data_3R5W
#
_entry.id   3R5W
#
_cell.length_a   85.336
_cell.length_b   89.419
_cell.length_c   127.678
_cell.angle_alpha   90.000
_cell.angle_beta   96.290
_cell.angle_gamma   90.000
#
_symmetry.space_group_name_H-M   'P 1 21 1'
#
loop_
_entity.id
_entity.type
_entity.pdbx_description
1 polymer 'Deazaflavin-dependent nitroreductase'
2 non-polymer 'COENZYME F420'
3 water water
#
_entity_poly.entity_id   1
_entity_poly.type   'polypeptide(L)'
_entity_poly.pdbx_seq_one_letter_code
;GFQKIPVALLTTTGRKTGQPRVNPLYFLRDGGRVIVAASKGGAEKNPMWYLNLKANPKVQVQIKKEVLDLTARDATDEER
AEYWPQLVTMYPSYQDYQSWTDRTIPIVVCEP
;
_entity_poly.pdbx_strand_id   A,B,C,D,E,K,L,M,N,O
#
loop_
_chem_comp.id
_chem_comp.type
_chem_comp.name
_chem_comp.formula
F42 non-polymer 'COENZYME F420' 'C29 H36 N5 O18 P'
#
# COMPACT_ATOMS: atom_id res chain seq x y z
N LYS A 4 9.68 -12.10 -8.59
CA LYS A 4 8.56 -11.17 -8.69
C LYS A 4 8.04 -11.21 -10.12
N ILE A 5 8.66 -10.50 -11.07
CA ILE A 5 8.33 -10.76 -12.49
C ILE A 5 9.47 -11.59 -13.16
N PRO A 6 9.14 -12.76 -13.75
CA PRO A 6 10.25 -13.54 -14.34
C PRO A 6 10.81 -12.90 -15.61
N VAL A 7 12.07 -13.21 -15.93
CA VAL A 7 12.64 -12.64 -17.11
C VAL A 7 12.91 -13.70 -18.15
N ALA A 8 12.91 -13.27 -19.41
CA ALA A 8 13.31 -14.16 -20.50
C ALA A 8 14.67 -13.68 -20.89
N LEU A 9 15.53 -14.59 -21.35
CA LEU A 9 16.82 -14.15 -21.83
C LEU A 9 16.80 -14.14 -23.37
N LEU A 10 16.95 -12.94 -23.92
CA LEU A 10 16.90 -12.77 -25.39
C LEU A 10 18.31 -12.72 -25.90
N THR A 11 18.68 -13.67 -26.80
CA THR A 11 19.94 -13.60 -27.51
C THR A 11 19.72 -13.05 -28.91
N THR A 12 20.43 -11.96 -29.19
CA THR A 12 20.41 -11.37 -30.53
C THR A 12 21.81 -11.42 -31.13
N THR A 13 21.87 -11.31 -32.45
CA THR A 13 23.16 -11.27 -33.09
C THR A 13 23.53 -9.83 -33.33
N GLY A 14 24.71 -9.43 -32.85
CA GLY A 14 25.18 -8.06 -32.99
C GLY A 14 25.19 -7.60 -34.42
N ARG A 15 24.51 -6.49 -34.71
CA ARG A 15 24.33 -6.11 -36.11
C ARG A 15 25.62 -5.57 -36.70
N LYS A 16 26.57 -5.22 -35.83
CA LYS A 16 27.91 -4.81 -36.29
C LYS A 16 28.95 -5.92 -36.13
N THR A 17 29.02 -6.49 -34.92
CA THR A 17 30.07 -7.46 -34.60
C THR A 17 29.74 -8.88 -35.02
N GLY A 18 28.45 -9.19 -35.19
CA GLY A 18 28.04 -10.57 -35.39
C GLY A 18 28.08 -11.45 -34.14
N GLN A 19 28.45 -10.86 -33.01
CA GLN A 19 28.55 -11.63 -31.78
C GLN A 19 27.18 -11.76 -31.09
N PRO A 20 26.94 -12.87 -30.41
CA PRO A 20 25.69 -13.05 -29.67
C PRO A 20 25.66 -12.11 -28.47
N ARG A 21 24.51 -11.50 -28.25
CA ARG A 21 24.33 -10.56 -27.14
C ARG A 21 23.13 -11.08 -26.37
N VAL A 22 23.20 -11.11 -25.05
CA VAL A 22 22.08 -11.67 -24.30
C VAL A 22 21.59 -10.58 -23.34
N ASN A 23 20.28 -10.38 -23.30
CA ASN A 23 19.68 -9.38 -22.40
C ASN A 23 18.46 -9.98 -21.69
N PRO A 24 18.26 -9.65 -20.37
CA PRO A 24 17.03 -10.12 -19.73
C PRO A 24 15.87 -9.14 -20.00
N LEU A 25 14.65 -9.67 -20.19
CA LEU A 25 13.49 -8.83 -20.51
C LEU A 25 12.28 -9.44 -19.88
N TYR A 26 11.29 -8.62 -19.54
CA TYR A 26 10.02 -9.19 -19.12
C TYR A 26 9.32 -9.64 -20.38
N PHE A 27 8.32 -10.50 -20.25
CA PHE A 27 7.73 -11.07 -21.47
C PHE A 27 6.28 -11.54 -21.25
N LEU A 28 5.58 -11.75 -22.37
CA LEU A 28 4.28 -12.43 -22.41
C LEU A 28 4.47 -13.60 -23.32
N ARG A 29 3.70 -14.68 -23.11
CA ARG A 29 3.72 -15.81 -24.04
C ARG A 29 2.32 -15.98 -24.59
N ASP A 30 2.19 -16.14 -25.90
CA ASP A 30 0.86 -16.23 -26.47
C ASP A 30 0.95 -17.16 -27.64
N GLY A 31 0.43 -18.37 -27.51
CA GLY A 31 0.34 -19.26 -28.67
C GLY A 31 1.62 -19.52 -29.42
N GLY A 32 2.69 -19.78 -28.68
CA GLY A 32 3.96 -20.09 -29.27
C GLY A 32 4.84 -18.86 -29.43
N ARG A 33 4.24 -17.67 -29.26
CA ARG A 33 4.96 -16.40 -29.45
C ARG A 33 5.50 -15.96 -28.11
N VAL A 34 6.61 -15.22 -28.15
CA VAL A 34 7.10 -14.52 -26.97
C VAL A 34 7.07 -13.04 -27.33
N ILE A 35 6.46 -12.25 -26.47
CA ILE A 35 6.30 -10.84 -26.71
CA ILE A 35 6.28 -10.83 -26.70
C ILE A 35 7.10 -10.05 -25.69
N VAL A 36 7.89 -9.09 -26.15
CA VAL A 36 8.71 -8.25 -25.28
C VAL A 36 8.52 -6.80 -25.67
N ALA A 37 8.86 -5.90 -24.75
CA ALA A 37 8.82 -4.47 -25.04
C ALA A 37 10.24 -3.89 -24.95
N ALA A 38 10.62 -3.08 -25.94
CA ALA A 38 11.97 -2.50 -25.96
C ALA A 38 11.94 -1.16 -25.26
N SER A 39 11.66 -1.21 -23.97
CA SER A 39 11.40 0.02 -23.20
C SER A 39 12.69 0.66 -22.69
N LYS A 40 13.68 -0.16 -22.39
CA LYS A 40 14.98 0.31 -21.87
C LYS A 40 14.75 1.36 -20.79
N GLY A 41 13.90 1.05 -19.81
CA GLY A 41 13.68 1.96 -18.68
C GLY A 41 13.23 3.37 -19.03
N GLY A 42 12.62 3.58 -20.20
CA GLY A 42 12.19 4.90 -20.61
C GLY A 42 13.27 5.75 -21.27
N ALA A 43 14.34 5.13 -21.74
CA ALA A 43 15.43 5.91 -22.36
C ALA A 43 14.96 6.47 -23.70
N GLU A 44 15.57 7.54 -24.16
CA GLU A 44 15.08 8.07 -25.43
C GLU A 44 15.44 7.23 -26.69
N LYS A 45 16.54 6.49 -26.66
CA LYS A 45 16.86 5.66 -27.81
C LYS A 45 16.44 4.20 -27.61
N ASN A 46 16.16 3.49 -28.72
CA ASN A 46 15.79 2.09 -28.65
C ASN A 46 17.03 1.35 -28.15
N PRO A 47 16.81 0.24 -27.47
CA PRO A 47 17.96 -0.53 -26.97
C PRO A 47 18.67 -1.18 -28.13
N MET A 48 19.92 -1.57 -27.90
CA MET A 48 20.73 -2.10 -28.96
C MET A 48 20.18 -3.45 -29.40
N TRP A 49 19.60 -4.22 -28.49
CA TRP A 49 19.19 -5.56 -28.88
C TRP A 49 18.03 -5.43 -29.88
N TYR A 50 17.26 -4.35 -29.76
CA TYR A 50 16.16 -4.14 -30.68
C TYR A 50 16.74 -3.81 -32.07
N LEU A 51 17.78 -2.96 -32.11
CA LEU A 51 18.44 -2.66 -33.37
C LEU A 51 19.04 -3.92 -33.95
N ASN A 52 19.65 -4.76 -33.10
CA ASN A 52 20.20 -6.02 -33.55
C ASN A 52 19.16 -6.92 -34.24
N LEU A 53 18.02 -7.10 -33.60
CA LEU A 53 17.02 -8.02 -34.16
C LEU A 53 16.34 -7.42 -35.37
N LYS A 54 16.38 -6.10 -35.54
CA LYS A 54 15.90 -5.52 -36.79
C LYS A 54 16.79 -5.89 -37.99
N ALA A 55 18.09 -6.05 -37.73
CA ALA A 55 19.06 -6.45 -38.75
C ALA A 55 19.21 -7.96 -38.87
N ASN A 56 18.95 -8.65 -37.77
CA ASN A 56 19.06 -10.09 -37.66
C ASN A 56 17.84 -10.64 -36.98
N PRO A 57 16.77 -10.88 -37.74
CA PRO A 57 15.52 -11.27 -37.08
C PRO A 57 15.54 -12.63 -36.37
N LYS A 58 16.49 -13.51 -36.69
CA LYS A 58 16.55 -14.79 -35.96
C LYS A 58 17.13 -14.56 -34.57
N VAL A 59 16.35 -14.90 -33.56
CA VAL A 59 16.77 -14.67 -32.18
C VAL A 59 16.61 -15.99 -31.44
N GLN A 60 17.09 -16.05 -30.21
CA GLN A 60 16.82 -17.18 -29.36
C GLN A 60 16.34 -16.62 -28.05
N VAL A 61 15.35 -17.27 -27.48
CA VAL A 61 14.77 -16.80 -26.21
C VAL A 61 14.83 -17.95 -25.21
N GLN A 62 15.33 -17.65 -24.03
CA GLN A 62 15.41 -18.68 -23.03
C GLN A 62 14.50 -18.27 -21.91
N ILE A 63 13.55 -19.16 -21.59
CA ILE A 63 12.67 -18.99 -20.47
C ILE A 63 12.79 -20.24 -19.61
N LYS A 64 13.33 -20.06 -18.42
CA LYS A 64 13.70 -21.20 -17.60
C LYS A 64 14.45 -22.26 -18.41
N LYS A 65 13.90 -23.46 -18.54
CA LYS A 65 14.59 -24.52 -19.29
C LYS A 65 14.47 -24.37 -20.80
N GLU A 66 13.37 -23.80 -21.27
CA GLU A 66 13.10 -23.81 -22.71
C GLU A 66 14.02 -22.88 -23.48
N VAL A 67 14.55 -23.36 -24.61
CA VAL A 67 15.32 -22.50 -25.46
C VAL A 67 14.63 -22.46 -26.79
N LEU A 68 14.12 -21.29 -27.15
CA LEU A 68 13.27 -21.17 -28.32
C LEU A 68 14.01 -20.44 -29.42
N ASP A 69 14.02 -21.02 -30.62
CA ASP A 69 14.51 -20.34 -31.82
C ASP A 69 13.34 -19.64 -32.48
N LEU A 70 13.39 -18.31 -32.53
CA LEU A 70 12.21 -17.52 -32.94
C LEU A 70 12.63 -16.45 -33.93
N THR A 71 11.66 -15.89 -34.64
CA THR A 71 11.95 -14.80 -35.57
C THR A 71 11.23 -13.58 -35.06
N ALA A 72 11.98 -12.51 -34.83
CA ALA A 72 11.40 -11.30 -34.20
C ALA A 72 10.92 -10.28 -35.23
N ARG A 73 9.84 -9.58 -34.90
CA ARG A 73 9.36 -8.50 -35.75
C ARG A 73 8.57 -7.53 -34.87
N ASP A 74 8.32 -6.32 -35.38
CA ASP A 74 7.43 -5.39 -34.67
C ASP A 74 5.97 -5.85 -34.65
N ALA A 75 5.28 -5.60 -33.54
CA ALA A 75 3.86 -5.85 -33.43
C ALA A 75 3.13 -4.97 -34.44
N THR A 76 2.06 -5.51 -35.02
CA THR A 76 1.14 -4.70 -35.80
C THR A 76 0.30 -3.84 -34.86
N ASP A 77 -0.37 -2.84 -35.40
CA ASP A 77 -1.30 -2.02 -34.60
C ASP A 77 -2.28 -2.89 -33.80
N GLU A 78 -2.84 -3.90 -34.45
CA GLU A 78 -3.81 -4.77 -33.78
C GLU A 78 -3.14 -5.60 -32.68
N GLU A 79 -1.92 -6.08 -32.94
CA GLU A 79 -1.20 -6.77 -31.88
C GLU A 79 -0.87 -5.85 -30.69
N ARG A 80 -0.45 -4.61 -30.96
CA ARG A 80 -0.13 -3.71 -29.86
C ARG A 80 -1.39 -3.56 -28.99
N ALA A 81 -2.55 -3.34 -29.61
CA ALA A 81 -3.78 -3.13 -28.86
C ALA A 81 -4.12 -4.33 -27.98
N GLU A 82 -3.69 -5.50 -28.41
CA GLU A 82 -3.94 -6.67 -27.60
C GLU A 82 -2.86 -6.86 -26.52
N TYR A 83 -1.60 -6.70 -26.91
CA TYR A 83 -0.52 -7.02 -25.98
C TYR A 83 -0.19 -5.88 -25.02
N TRP A 84 -0.22 -4.63 -25.50
CA TRP A 84 0.17 -3.50 -24.66
C TRP A 84 -0.55 -3.49 -23.29
N PRO A 85 -1.90 -3.62 -23.31
CA PRO A 85 -2.59 -3.64 -22.00
C PRO A 85 -2.14 -4.81 -21.13
N GLN A 86 -1.84 -5.94 -21.76
CA GLN A 86 -1.38 -7.06 -20.95
C GLN A 86 -0.02 -6.75 -20.33
N LEU A 87 0.85 -6.10 -21.11
CA LEU A 87 2.18 -5.75 -20.61
C LEU A 87 2.00 -4.75 -19.49
N VAL A 88 1.16 -3.77 -19.73
CA VAL A 88 0.96 -2.73 -18.71
C VAL A 88 0.38 -3.31 -17.40
N THR A 89 -0.51 -4.28 -17.53
CA THR A 89 -1.14 -4.88 -16.37
C THR A 89 -0.07 -5.56 -15.54
N MET A 90 0.84 -6.20 -16.24
CA MET A 90 1.90 -6.96 -15.62
C MET A 90 2.96 -6.05 -14.98
N TYR A 91 3.23 -4.93 -15.64
CA TYR A 91 4.31 -4.03 -15.21
C TYR A 91 3.93 -2.62 -15.57
N PRO A 92 3.18 -1.97 -14.66
CA PRO A 92 2.59 -0.67 -14.98
C PRO A 92 3.57 0.41 -15.37
N SER A 93 4.81 0.30 -14.94
CA SER A 93 5.82 1.27 -15.37
C SER A 93 5.95 1.41 -16.90
N TYR A 94 5.63 0.35 -17.64
CA TYR A 94 5.70 0.43 -19.09
C TYR A 94 4.92 1.64 -19.55
N GLN A 95 3.78 1.87 -18.91
CA GLN A 95 2.95 2.98 -19.42
C GLN A 95 3.66 4.31 -19.12
N ASP A 96 4.28 4.44 -17.96
CA ASP A 96 5.10 5.63 -17.71
C ASP A 96 6.20 5.79 -18.73
N TYR A 97 6.95 4.72 -18.98
CA TYR A 97 8.05 4.80 -19.93
C TYR A 97 7.54 5.26 -21.28
N GLN A 98 6.35 4.83 -21.65
CA GLN A 98 5.86 5.17 -22.99
C GLN A 98 5.53 6.68 -22.98
N SER A 99 4.92 7.14 -21.90
CA SER A 99 4.59 8.55 -21.75
C SER A 99 5.80 9.44 -21.82
N TRP A 100 6.87 9.07 -21.11
CA TRP A 100 8.06 9.92 -21.01
C TRP A 100 8.93 9.89 -22.25
N THR A 101 8.75 8.86 -23.08
CA THR A 101 9.56 8.76 -24.28
C THR A 101 8.89 9.31 -25.51
N ASP A 102 9.65 10.01 -26.36
CA ASP A 102 9.10 10.42 -27.63
C ASP A 102 8.86 9.23 -28.55
N ARG A 103 9.88 8.39 -28.74
CA ARG A 103 9.73 7.24 -29.63
C ARG A 103 8.59 6.40 -29.11
N THR A 104 7.89 5.70 -30.00
CA THR A 104 6.92 4.72 -29.55
C THR A 104 7.69 3.50 -29.13
N ILE A 105 7.50 3.06 -27.90
CA ILE A 105 8.24 1.90 -27.40
C ILE A 105 7.87 0.65 -28.22
N PRO A 106 8.88 0.03 -28.87
CA PRO A 106 8.58 -1.14 -29.71
C PRO A 106 8.02 -2.27 -28.88
N ILE A 107 7.04 -2.94 -29.47
CA ILE A 107 6.60 -4.23 -28.94
C ILE A 107 7.05 -5.27 -29.98
N VAL A 108 7.83 -6.23 -29.51
CA VAL A 108 8.44 -7.19 -30.38
C VAL A 108 7.79 -8.53 -30.21
N VAL A 109 7.30 -9.07 -31.31
CA VAL A 109 6.66 -10.36 -31.33
C VAL A 109 7.67 -11.37 -31.87
N CYS A 110 8.02 -12.35 -31.07
CA CYS A 110 8.97 -13.36 -31.49
C CYS A 110 8.19 -14.63 -31.80
N GLU A 111 8.30 -15.12 -33.05
CA GLU A 111 7.42 -16.21 -33.51
C GLU A 111 8.19 -17.43 -33.99
N PRO A 112 7.63 -18.62 -33.81
CA PRO A 112 8.30 -19.87 -34.21
C PRO A 112 8.59 -19.91 -35.71
N LYS B 4 -5.36 -15.99 4.75
CA LYS B 4 -6.01 -14.87 4.08
C LYS B 4 -6.82 -15.31 2.88
N ILE B 5 -6.28 -16.17 2.01
CA ILE B 5 -7.11 -16.87 1.02
C ILE B 5 -7.14 -18.33 1.47
N PRO B 6 -8.34 -18.87 1.71
CA PRO B 6 -8.37 -20.24 2.21
C PRO B 6 -8.09 -21.24 1.09
N VAL B 7 -7.59 -22.40 1.45
CA VAL B 7 -7.30 -23.41 0.41
C VAL B 7 -8.29 -24.57 0.51
N ALA B 8 -8.45 -25.29 -0.60
CA ALA B 8 -9.19 -26.52 -0.61
C ALA B 8 -8.13 -27.60 -0.80
N LEU B 9 -8.38 -28.78 -0.25
CA LEU B 9 -7.43 -29.87 -0.47
C LEU B 9 -8.05 -30.77 -1.51
N LEU B 10 -7.37 -30.88 -2.64
CA LEU B 10 -7.84 -31.73 -3.74
C LEU B 10 -7.11 -33.02 -3.66
N THR B 11 -7.84 -34.15 -3.55
CA THR B 11 -7.21 -35.45 -3.64
C THR B 11 -7.49 -36.02 -5.03
N THR B 12 -6.43 -36.43 -5.71
CA THR B 12 -6.56 -37.08 -7.00
C THR B 12 -5.90 -38.43 -6.93
N THR B 13 -6.21 -39.30 -7.87
CA THR B 13 -5.56 -40.62 -7.91
C THR B 13 -4.41 -40.54 -8.87
N GLY B 14 -3.22 -40.92 -8.44
CA GLY B 14 -2.06 -40.88 -9.33
C GLY B 14 -2.28 -41.69 -10.59
N ARG B 15 -2.03 -41.09 -11.74
CA ARG B 15 -2.36 -41.74 -12.99
C ARG B 15 -1.43 -42.90 -13.29
N LYS B 16 -0.26 -42.89 -12.66
CA LYS B 16 0.74 -43.94 -12.83
C LYS B 16 0.78 -44.90 -11.64
N THR B 17 0.61 -44.41 -10.43
CA THR B 17 0.80 -45.25 -9.24
C THR B 17 -0.51 -45.73 -8.60
N GLY B 18 -1.63 -45.10 -8.95
CA GLY B 18 -2.88 -45.37 -8.30
C GLY B 18 -2.95 -44.85 -6.86
N GLN B 19 -1.90 -44.20 -6.37
CA GLN B 19 -1.93 -43.62 -5.02
C GLN B 19 -2.71 -42.31 -4.94
N PRO B 20 -3.36 -42.06 -3.81
CA PRO B 20 -3.98 -40.74 -3.59
C PRO B 20 -2.91 -39.68 -3.43
N ARG B 21 -3.14 -38.54 -4.04
CA ARG B 21 -2.22 -37.41 -3.99
C ARG B 21 -3.05 -36.23 -3.54
N VAL B 22 -2.56 -35.47 -2.58
CA VAL B 22 -3.37 -34.35 -2.09
C VAL B 22 -2.59 -33.07 -2.34
N ASN B 23 -3.26 -32.04 -2.82
CA ASN B 23 -2.62 -30.74 -3.10
C ASN B 23 -3.53 -29.63 -2.65
N PRO B 24 -2.96 -28.60 -2.03
CA PRO B 24 -3.81 -27.44 -1.71
C PRO B 24 -4.01 -26.51 -2.90
N LEU B 25 -5.19 -25.88 -3.04
CA LEU B 25 -5.49 -25.06 -4.21
C LEU B 25 -6.42 -23.97 -3.77
N TYR B 26 -6.32 -22.80 -4.36
CA TYR B 26 -7.37 -21.81 -4.13
C TYR B 26 -8.58 -22.24 -4.92
N PHE B 27 -9.73 -21.63 -4.63
CA PHE B 27 -10.96 -22.16 -5.22
C PHE B 27 -12.05 -21.14 -5.22
N LEU B 28 -13.04 -21.43 -6.06
CA LEU B 28 -14.32 -20.73 -6.08
C LEU B 28 -15.37 -21.81 -5.92
N ARG B 29 -16.51 -21.46 -5.34
CA ARG B 29 -17.60 -22.41 -5.19
C ARG B 29 -18.82 -21.83 -5.83
N ASP B 30 -19.51 -22.60 -6.69
CA ASP B 30 -20.71 -22.08 -7.34
C ASP B 30 -21.69 -23.19 -7.66
N GLY B 31 -22.91 -23.12 -7.12
CA GLY B 31 -23.95 -24.07 -7.47
C GLY B 31 -23.54 -25.52 -7.26
N GLY B 32 -22.89 -25.78 -6.12
CA GLY B 32 -22.44 -27.11 -5.78
C GLY B 32 -21.11 -27.50 -6.42
N ARG B 33 -20.58 -26.65 -7.29
CA ARG B 33 -19.32 -26.94 -7.96
C ARG B 33 -18.16 -26.35 -7.17
N VAL B 34 -16.98 -26.91 -7.38
CA VAL B 34 -15.79 -26.27 -6.89
C VAL B 34 -14.95 -26.04 -8.14
N ILE B 35 -14.45 -24.82 -8.26
CA ILE B 35 -13.65 -24.44 -9.41
CA ILE B 35 -13.65 -24.43 -9.40
C ILE B 35 -12.23 -24.13 -8.95
N VAL B 36 -11.27 -24.71 -9.64
CA VAL B 36 -9.84 -24.49 -9.32
C VAL B 36 -9.10 -24.18 -10.63
N ALA B 37 -7.92 -23.56 -10.53
CA ALA B 37 -7.08 -23.27 -11.69
C ALA B 37 -5.73 -24.00 -11.57
N ALA B 38 -5.33 -24.72 -12.61
CA ALA B 38 -4.10 -25.50 -12.58
C ALA B 38 -2.94 -24.58 -12.98
N SER B 39 -2.71 -23.54 -12.21
CA SER B 39 -1.77 -22.54 -12.61
C SER B 39 -0.31 -22.95 -12.27
N LYS B 40 -0.13 -23.76 -11.23
CA LYS B 40 1.21 -24.16 -10.82
C LYS B 40 2.20 -22.98 -10.86
N GLY B 41 1.80 -21.84 -10.32
CA GLY B 41 2.74 -20.72 -10.24
C GLY B 41 3.28 -20.20 -11.57
N GLY B 42 2.51 -20.37 -12.65
CA GLY B 42 2.97 -19.97 -13.96
C GLY B 42 4.02 -20.87 -14.58
N ALA B 43 4.11 -22.14 -14.16
CA ALA B 43 5.10 -23.09 -14.72
C ALA B 43 4.76 -23.40 -16.16
N GLU B 44 5.71 -23.83 -16.98
CA GLU B 44 5.28 -24.11 -18.35
CA GLU B 44 5.43 -24.19 -18.37
C GLU B 44 4.49 -25.41 -18.54
N LYS B 45 4.65 -26.38 -17.65
CA LYS B 45 3.85 -27.62 -17.73
C LYS B 45 2.64 -27.63 -16.78
N ASN B 46 1.56 -28.30 -17.15
CA ASN B 46 0.44 -28.40 -16.21
C ASN B 46 0.89 -29.20 -15.01
N PRO B 47 0.32 -28.92 -13.83
CA PRO B 47 0.62 -29.69 -12.64
C PRO B 47 0.18 -31.15 -12.77
N MET B 48 0.85 -32.03 -12.06
CA MET B 48 0.54 -33.43 -12.09
C MET B 48 -0.88 -33.72 -11.61
N TRP B 49 -1.40 -32.97 -10.65
CA TRP B 49 -2.73 -33.29 -10.15
C TRP B 49 -3.76 -33.09 -11.27
N TYR B 50 -3.45 -32.16 -12.17
CA TYR B 50 -4.27 -31.94 -13.36
C TYR B 50 -4.20 -33.15 -14.30
N LEU B 51 -2.98 -33.62 -14.59
CA LEU B 51 -2.83 -34.88 -15.37
C LEU B 51 -3.57 -36.04 -14.69
N ASN B 52 -3.49 -36.11 -13.37
CA ASN B 52 -4.17 -37.18 -12.63
C ASN B 52 -5.69 -37.15 -12.83
N LEU B 53 -6.28 -35.96 -12.74
CA LEU B 53 -7.75 -35.92 -12.76
C LEU B 53 -8.25 -36.02 -14.20
N LYS B 54 -7.39 -35.75 -15.17
CA LYS B 54 -7.71 -36.04 -16.56
C LYS B 54 -7.78 -37.56 -16.82
N ALA B 55 -6.95 -38.32 -16.10
CA ALA B 55 -6.96 -39.79 -16.17
C ALA B 55 -8.00 -40.41 -15.24
N ASN B 56 -8.26 -39.76 -14.13
CA ASN B 56 -9.15 -40.26 -13.08
C ASN B 56 -10.04 -39.14 -12.63
N PRO B 57 -11.13 -38.88 -13.35
CA PRO B 57 -11.96 -37.69 -13.05
C PRO B 57 -12.59 -37.67 -11.66
N LYS B 58 -12.73 -38.82 -10.99
CA LYS B 58 -13.32 -38.74 -9.66
C LYS B 58 -12.30 -38.17 -8.69
N VAL B 59 -12.67 -37.11 -7.99
CA VAL B 59 -11.72 -36.44 -7.09
C VAL B 59 -12.42 -36.23 -5.77
N GLN B 60 -11.65 -35.94 -4.73
CA GLN B 60 -12.28 -35.50 -3.48
C GLN B 60 -11.78 -34.11 -3.18
N VAL B 61 -12.65 -33.26 -2.65
CA VAL B 61 -12.22 -31.91 -2.31
C VAL B 61 -12.63 -31.66 -0.89
N GLN B 62 -11.67 -31.31 -0.05
CA GLN B 62 -11.97 -30.98 1.33
C GLN B 62 -11.89 -29.48 1.50
N ILE B 63 -12.97 -28.87 2.02
CA ILE B 63 -12.97 -27.46 2.36
C ILE B 63 -13.44 -27.38 3.81
N LYS B 64 -12.55 -26.92 4.67
CA LYS B 64 -12.73 -27.08 6.10
C LYS B 64 -13.14 -28.53 6.43
N LYS B 65 -14.30 -28.72 7.04
CA LYS B 65 -14.68 -30.06 7.45
C LYS B 65 -15.44 -30.81 6.37
N GLU B 66 -15.92 -30.06 5.36
CA GLU B 66 -16.70 -30.62 4.27
C GLU B 66 -15.80 -31.48 3.38
N VAL B 67 -16.23 -32.66 3.03
CA VAL B 67 -15.45 -33.46 2.12
C VAL B 67 -16.37 -33.85 0.97
N LEU B 68 -16.09 -33.32 -0.22
CA LEU B 68 -17.00 -33.48 -1.37
C LEU B 68 -16.46 -34.52 -2.35
N ASP B 69 -17.30 -35.44 -2.79
CA ASP B 69 -16.94 -36.35 -3.87
C ASP B 69 -17.42 -35.75 -5.18
N LEU B 70 -16.49 -35.44 -6.07
CA LEU B 70 -16.84 -34.66 -7.24
C LEU B 70 -16.21 -35.29 -8.47
N THR B 71 -16.72 -34.92 -9.62
CA THR B 71 -16.12 -35.37 -10.88
C THR B 71 -15.56 -34.14 -11.57
N ALA B 72 -14.27 -34.17 -11.88
CA ALA B 72 -13.59 -33.03 -12.49
C ALA B 72 -13.61 -33.05 -14.01
N ARG B 73 -13.78 -31.89 -14.63
CA ARG B 73 -13.60 -31.77 -16.06
C ARG B 73 -13.09 -30.36 -16.37
N ASP B 74 -12.64 -30.13 -17.59
CA ASP B 74 -12.26 -28.79 -18.01
C ASP B 74 -13.49 -27.89 -18.12
N ALA B 75 -13.31 -26.62 -17.78
CA ALA B 75 -14.35 -25.61 -17.95
C ALA B 75 -14.60 -25.44 -19.47
N THR B 76 -15.86 -25.34 -19.87
CA THR B 76 -16.14 -24.90 -21.25
C THR B 76 -15.70 -23.45 -21.46
N ASP B 77 -15.73 -22.98 -22.70
CA ASP B 77 -15.36 -21.57 -22.94
C ASP B 77 -16.28 -20.60 -22.20
N GLU B 78 -17.58 -20.92 -22.15
CA GLU B 78 -18.56 -20.07 -21.49
C GLU B 78 -18.27 -20.05 -20.01
N GLU B 79 -17.89 -21.18 -19.45
CA GLU B 79 -17.54 -21.21 -18.03
C GLU B 79 -16.22 -20.48 -17.75
N ARG B 80 -15.26 -20.55 -18.67
CA ARG B 80 -14.01 -19.84 -18.47
C ARG B 80 -14.35 -18.35 -18.35
N ALA B 81 -15.21 -17.87 -19.24
CA ALA B 81 -15.53 -16.45 -19.29
C ALA B 81 -16.17 -16.01 -18.00
N GLU B 82 -16.87 -16.92 -17.35
CA GLU B 82 -17.52 -16.60 -16.10
C GLU B 82 -16.56 -16.68 -14.92
N TYR B 83 -15.82 -17.78 -14.84
CA TYR B 83 -14.98 -18.03 -13.66
C TYR B 83 -13.62 -17.32 -13.66
N TRP B 84 -13.01 -17.15 -14.82
CA TRP B 84 -11.65 -16.59 -14.85
C TRP B 84 -11.63 -15.18 -14.17
N PRO B 85 -12.58 -14.29 -14.50
CA PRO B 85 -12.52 -12.96 -13.86
C PRO B 85 -12.68 -13.05 -12.36
N GLN B 86 -13.53 -13.96 -11.89
CA GLN B 86 -13.66 -14.20 -10.47
C GLN B 86 -12.40 -14.72 -9.83
N LEU B 87 -11.74 -15.67 -10.49
CA LEU B 87 -10.47 -16.17 -9.97
C LEU B 87 -9.45 -15.01 -9.90
N VAL B 88 -9.39 -14.25 -10.98
CA VAL B 88 -8.44 -13.15 -11.07
C VAL B 88 -8.74 -12.07 -10.00
N THR B 89 -10.00 -11.74 -9.78
CA THR B 89 -10.36 -10.78 -8.71
C THR B 89 -9.90 -11.27 -7.36
N MET B 90 -10.04 -12.57 -7.11
CA MET B 90 -9.71 -13.09 -5.81
C MET B 90 -8.18 -13.19 -5.65
N TYR B 91 -7.46 -13.51 -6.74
CA TYR B 91 -6.01 -13.72 -6.69
C TYR B 91 -5.43 -13.22 -8.00
N PRO B 92 -5.09 -11.92 -8.06
CA PRO B 92 -4.64 -11.28 -9.30
C PRO B 92 -3.46 -11.96 -9.94
N SER B 93 -2.62 -12.62 -9.16
CA SER B 93 -1.46 -13.29 -9.72
C SER B 93 -1.87 -14.29 -10.80
N TYR B 94 -3.06 -14.85 -10.72
CA TYR B 94 -3.49 -15.78 -11.77
C TYR B 94 -3.32 -15.11 -13.15
N GLN B 95 -3.61 -13.83 -13.27
CA GLN B 95 -3.49 -13.19 -14.60
C GLN B 95 -2.03 -13.09 -15.06
N ASP B 96 -1.14 -12.75 -14.13
CA ASP B 96 0.28 -12.78 -14.43
C ASP B 96 0.70 -14.19 -14.85
N TYR B 97 0.26 -15.22 -14.10
CA TYR B 97 0.68 -16.57 -14.44
C TYR B 97 0.23 -16.91 -15.85
N GLN B 98 -0.97 -16.46 -16.20
CA GLN B 98 -1.53 -16.83 -17.51
C GLN B 98 -0.70 -16.10 -18.56
N SER B 99 -0.37 -14.84 -18.30
CA SER B 99 0.49 -14.10 -19.23
C SER B 99 1.83 -14.75 -19.49
N TRP B 100 2.48 -15.23 -18.44
CA TRP B 100 3.82 -15.74 -18.53
C TRP B 100 3.88 -17.14 -19.11
N THR B 101 2.74 -17.82 -19.19
CA THR B 101 2.74 -19.17 -19.65
C THR B 101 2.23 -19.26 -21.08
N ASP B 102 2.84 -20.13 -21.85
CA ASP B 102 2.30 -20.37 -23.20
C ASP B 102 1.03 -21.22 -23.16
N ARG B 103 1.07 -22.30 -22.38
CA ARG B 103 -0.17 -23.08 -22.24
C ARG B 103 -1.32 -22.22 -21.71
N THR B 104 -2.54 -22.57 -22.07
CA THR B 104 -3.68 -21.95 -21.44
C THR B 104 -3.85 -22.63 -20.08
N ILE B 105 -3.92 -21.85 -19.01
CA ILE B 105 -4.05 -22.44 -17.68
C ILE B 105 -5.40 -23.13 -17.58
N PRO B 106 -5.39 -24.42 -17.24
CA PRO B 106 -6.70 -25.09 -17.18
C PRO B 106 -7.53 -24.53 -16.04
N ILE B 107 -8.82 -24.46 -16.26
CA ILE B 107 -9.74 -24.19 -15.17
C ILE B 107 -10.56 -25.46 -15.03
N VAL B 108 -10.59 -26.00 -13.83
CA VAL B 108 -11.20 -27.31 -13.60
C VAL B 108 -12.48 -27.14 -12.85
N VAL B 109 -13.54 -27.72 -13.36
CA VAL B 109 -14.85 -27.64 -12.71
C VAL B 109 -15.10 -28.98 -12.06
N CYS B 110 -15.25 -28.99 -10.74
CA CYS B 110 -15.51 -30.22 -10.05
C CYS B 110 -16.97 -30.24 -9.67
N GLU B 111 -17.74 -31.18 -10.21
CA GLU B 111 -19.18 -31.17 -9.93
C GLU B 111 -19.67 -32.48 -9.31
N PRO B 112 -20.76 -32.38 -8.55
CA PRO B 112 -21.41 -33.51 -7.88
C PRO B 112 -22.03 -34.40 -8.93
N LYS C 4 -1.81 17.16 3.25
CA LYS C 4 -2.13 16.23 2.16
C LYS C 4 -3.44 16.58 1.45
N ILE C 5 -4.59 16.66 2.13
CA ILE C 5 -5.79 17.28 1.51
C ILE C 5 -5.99 18.64 2.17
N PRO C 6 -5.96 19.71 1.39
CA PRO C 6 -6.05 21.03 2.03
C PRO C 6 -7.47 21.30 2.53
N VAL C 7 -7.61 22.17 3.55
CA VAL C 7 -8.94 22.48 4.05
C VAL C 7 -9.30 23.91 3.73
N ALA C 8 -10.61 24.16 3.59
CA ALA C 8 -11.16 25.48 3.49
C ALA C 8 -11.69 25.82 4.87
N LEU C 9 -11.64 27.11 5.25
CA LEU C 9 -12.23 27.50 6.54
C LEU C 9 -13.57 28.19 6.22
N LEU C 10 -14.67 27.53 6.59
CA LEU C 10 -16.01 28.04 6.36
C LEU C 10 -16.46 28.78 7.60
N THR C 11 -16.80 30.06 7.44
CA THR C 11 -17.37 30.82 8.54
C THR C 11 -18.87 30.96 8.31
N THR C 12 -19.65 30.49 9.27
CA THR C 12 -21.09 30.65 9.19
C THR C 12 -21.57 31.51 10.36
N THR C 13 -22.79 32.04 10.24
CA THR C 13 -23.35 32.79 11.35
C THR C 13 -24.18 31.85 12.20
N GLY C 14 -23.91 31.81 13.50
CA GLY C 14 -24.64 30.93 14.42
C GLY C 14 -26.14 31.16 14.32
N ARG C 15 -26.92 30.13 14.08
CA ARG C 15 -28.33 30.38 13.83
C ARG C 15 -29.04 30.80 15.10
N LYS C 16 -28.46 30.47 16.25
CA LYS C 16 -29.03 30.84 17.53
C LYS C 16 -28.33 32.06 18.14
N THR C 17 -27.00 32.03 18.21
CA THR C 17 -26.24 33.07 18.89
C THR C 17 -25.96 34.29 18.05
N GLY C 18 -26.00 34.15 16.73
CA GLY C 18 -25.55 35.18 15.83
C GLY C 18 -24.04 35.30 15.76
N GLN C 19 -23.31 34.44 16.47
CA GLN C 19 -21.86 34.54 16.48
C GLN C 19 -21.25 33.84 15.27
N PRO C 20 -20.12 34.35 14.76
CA PRO C 20 -19.40 33.69 13.67
C PRO C 20 -18.87 32.38 14.19
N ARG C 21 -18.98 31.32 13.38
CA ARG C 21 -18.54 29.99 13.75
C ARG C 21 -17.66 29.57 12.59
N VAL C 22 -16.45 29.07 12.83
CA VAL C 22 -15.56 28.71 11.70
C VAL C 22 -15.29 27.21 11.81
N ASN C 23 -15.27 26.51 10.66
CA ASN C 23 -15.04 25.05 10.65
C ASN C 23 -14.20 24.71 9.47
N PRO C 24 -13.21 23.80 9.62
CA PRO C 24 -12.40 23.42 8.46
C PRO C 24 -13.14 22.30 7.67
N LEU C 25 -13.06 22.34 6.35
CA LEU C 25 -13.78 21.36 5.51
C LEU C 25 -12.89 21.06 4.33
N TYR C 26 -12.99 19.85 3.75
CA TYR C 26 -12.38 19.60 2.45
C TYR C 26 -13.27 20.21 1.38
N PHE C 27 -12.72 20.45 0.19
CA PHE C 27 -13.50 21.21 -0.78
C PHE C 27 -13.08 20.92 -2.21
N LEU C 28 -13.98 21.19 -3.14
CA LEU C 28 -13.63 21.35 -4.55
C LEU C 28 -13.86 22.79 -4.95
N ARG C 29 -13.17 23.27 -5.98
CA ARG C 29 -13.44 24.59 -6.52
C ARG C 29 -13.83 24.47 -7.96
N ASP C 30 -14.89 25.15 -8.37
CA ASP C 30 -15.32 25.00 -9.77
C ASP C 30 -15.94 26.27 -10.24
N GLY C 31 -15.28 26.98 -11.15
CA GLY C 31 -15.90 28.14 -11.80
C GLY C 31 -16.45 29.18 -10.81
N GLY C 32 -15.63 29.50 -9.82
CA GLY C 32 -15.97 30.53 -8.85
C GLY C 32 -16.66 29.93 -7.63
N ARG C 33 -17.12 28.68 -7.74
CA ARG C 33 -17.81 28.02 -6.64
C ARG C 33 -16.85 27.27 -5.75
N VAL C 34 -17.24 27.16 -4.48
CA VAL C 34 -16.58 26.24 -3.53
C VAL C 34 -17.62 25.20 -3.10
N ILE C 35 -17.28 23.92 -3.25
CA ILE C 35 -18.21 22.83 -2.97
CA ILE C 35 -18.22 22.85 -2.95
C ILE C 35 -17.70 22.08 -1.75
N VAL C 36 -18.55 21.86 -0.78
CA VAL C 36 -18.14 21.13 0.41
C VAL C 36 -19.20 20.07 0.71
N ALA C 37 -18.83 19.08 1.50
CA ALA C 37 -19.81 18.08 1.89
C ALA C 37 -20.00 18.07 3.40
N ALA C 38 -21.26 18.08 3.82
CA ALA C 38 -21.56 18.14 5.23
C ALA C 38 -21.59 16.74 5.82
N SER C 39 -20.44 16.10 5.80
CA SER C 39 -20.40 14.70 6.13
C SER C 39 -20.28 14.45 7.60
N LYS C 40 -19.59 15.35 8.30
CA LYS C 40 -19.40 15.24 9.74
C LYS C 40 -18.95 13.80 10.11
N GLY C 41 -17.99 13.26 9.36
CA GLY C 41 -17.45 11.93 9.67
C GLY C 41 -18.47 10.80 9.73
N GLY C 42 -19.57 10.93 8.98
CA GLY C 42 -20.63 9.92 8.98
C GLY C 42 -21.55 9.91 10.18
N ALA C 43 -21.67 11.04 10.87
CA ALA C 43 -22.56 11.15 12.04
C ALA C 43 -24.02 11.11 11.61
N GLU C 44 -24.95 10.76 12.50
CA GLU C 44 -26.31 10.69 11.96
C GLU C 44 -26.92 12.05 11.72
N LYS C 45 -26.55 13.04 12.54
CA LYS C 45 -27.12 14.37 12.34
C LYS C 45 -26.27 15.23 11.38
N ASN C 46 -26.90 16.16 10.65
CA ASN C 46 -26.12 17.15 9.92
C ASN C 46 -25.35 18.03 10.88
N PRO C 47 -24.18 18.48 10.44
CA PRO C 47 -23.38 19.38 11.29
C PRO C 47 -24.06 20.71 11.55
N MET C 48 -23.68 21.35 12.65
CA MET C 48 -24.27 22.62 13.00
C MET C 48 -23.97 23.70 11.95
N TRP C 49 -22.78 23.69 11.35
CA TRP C 49 -22.49 24.70 10.35
C TRP C 49 -23.46 24.60 9.17
N TYR C 50 -23.94 23.40 8.89
CA TYR C 50 -24.86 23.21 7.74
C TYR C 50 -26.21 23.84 8.12
N LEU C 51 -26.69 23.53 9.34
CA LEU C 51 -27.88 24.20 9.84
C LEU C 51 -27.73 25.73 9.86
N ASN C 52 -26.55 26.20 10.21
CA ASN C 52 -26.31 27.66 10.24
C ASN C 52 -26.46 28.29 8.85
N LEU C 53 -25.90 27.64 7.84
CA LEU C 53 -25.94 28.22 6.52
C LEU C 53 -27.32 28.06 5.90
N LYS C 54 -28.09 27.09 6.37
CA LYS C 54 -29.46 26.96 5.88
C LYS C 54 -30.29 28.10 6.49
N ALA C 55 -29.93 28.54 7.69
CA ALA C 55 -30.60 29.71 8.28
C ALA C 55 -30.07 31.03 7.73
N ASN C 56 -28.76 31.10 7.51
CA ASN C 56 -28.16 32.30 6.95
C ASN C 56 -27.16 31.92 5.88
N PRO C 57 -27.55 32.06 4.62
CA PRO C 57 -26.77 31.48 3.50
C PRO C 57 -25.51 32.27 3.16
N LYS C 58 -25.38 33.49 3.66
CA LYS C 58 -24.13 34.25 3.46
C LYS C 58 -23.04 33.67 4.33
N VAL C 59 -22.00 33.19 3.66
CA VAL C 59 -20.87 32.58 4.35
C VAL C 59 -19.56 33.21 3.88
N GLN C 60 -18.49 32.93 4.60
CA GLN C 60 -17.20 33.34 4.11
C GLN C 60 -16.36 32.08 4.07
N VAL C 61 -15.58 31.97 3.00
CA VAL C 61 -14.74 30.78 2.85
C VAL C 61 -13.33 31.29 2.70
N GLN C 62 -12.41 30.74 3.50
CA GLN C 62 -11.03 31.12 3.36
C GLN C 62 -10.25 29.92 2.89
N ILE C 63 -9.53 30.10 1.79
CA ILE C 63 -8.66 29.08 1.22
C ILE C 63 -7.30 29.74 1.02
N LYS C 64 -6.33 29.30 1.80
CA LYS C 64 -5.05 29.98 1.89
C LYS C 64 -5.26 31.46 2.19
N LYS C 65 -4.79 32.37 1.34
CA LYS C 65 -5.01 33.79 1.65
C LYS C 65 -6.31 34.34 1.08
N GLU C 66 -6.92 33.60 0.17
CA GLU C 66 -8.19 34.04 -0.39
C GLU C 66 -9.30 33.99 0.64
N VAL C 67 -10.00 35.11 0.80
CA VAL C 67 -11.19 35.13 1.61
C VAL C 67 -12.37 35.50 0.71
N LEU C 68 -13.33 34.60 0.61
CA LEU C 68 -14.39 34.72 -0.38
C LEU C 68 -15.74 34.91 0.33
N ASP C 69 -16.48 35.95 -0.03
CA ASP C 69 -17.85 36.13 0.43
C ASP C 69 -18.76 35.41 -0.54
N LEU C 70 -19.43 34.37 -0.06
CA LEU C 70 -20.20 33.50 -0.92
C LEU C 70 -21.61 33.26 -0.32
N THR C 71 -22.50 32.70 -1.13
CA THR C 71 -23.85 32.36 -0.68
C THR C 71 -23.98 30.86 -0.81
N ALA C 72 -24.35 30.18 0.27
CA ALA C 72 -24.34 28.74 0.27
C ALA C 72 -25.73 28.16 0.05
N ARG C 73 -25.80 27.05 -0.67
CA ARG C 73 -27.05 26.37 -0.87
C ARG C 73 -26.80 24.92 -1.17
N ASP C 74 -27.84 24.12 -1.05
CA ASP C 74 -27.77 22.71 -1.41
C ASP C 74 -27.55 22.54 -2.90
N ALA C 75 -26.74 21.56 -3.26
CA ALA C 75 -26.57 21.15 -4.64
C ALA C 75 -27.87 20.61 -5.22
N THR C 76 -28.12 20.94 -6.48
CA THR C 76 -29.22 20.28 -7.20
C THR C 76 -28.83 18.85 -7.56
N ASP C 77 -29.76 18.03 -8.01
CA ASP C 77 -29.44 16.66 -8.38
C ASP C 77 -28.36 16.60 -9.45
N GLU C 78 -28.47 17.48 -10.45
CA GLU C 78 -27.51 17.50 -11.55
C GLU C 78 -26.13 17.82 -11.01
N GLU C 79 -26.08 18.80 -10.09
CA GLU C 79 -24.84 19.21 -9.47
C GLU C 79 -24.29 18.07 -8.60
N ARG C 80 -25.16 17.38 -7.89
CA ARG C 80 -24.66 16.28 -7.07
C ARG C 80 -24.01 15.23 -7.99
N ALA C 81 -24.69 14.93 -9.09
CA ALA C 81 -24.18 13.94 -10.02
C ALA C 81 -22.84 14.37 -10.56
N GLU C 82 -22.60 15.67 -10.67
CA GLU C 82 -21.31 16.12 -11.15
C GLU C 82 -20.28 16.12 -10.02
N TYR C 83 -20.65 16.68 -8.86
CA TYR C 83 -19.64 16.91 -7.82
C TYR C 83 -19.32 15.71 -6.94
N TRP C 84 -20.30 14.85 -6.70
CA TRP C 84 -20.12 13.77 -5.73
C TRP C 84 -18.99 12.80 -6.17
N PRO C 85 -18.99 12.40 -7.45
CA PRO C 85 -17.90 11.55 -7.92
C PRO C 85 -16.57 12.23 -7.76
N GLN C 86 -16.49 13.54 -7.99
CA GLN C 86 -15.22 14.22 -7.79
C GLN C 86 -14.81 14.24 -6.32
N LEU C 87 -15.78 14.48 -5.42
CA LEU C 87 -15.48 14.47 -3.99
C LEU C 87 -14.98 13.07 -3.58
N VAL C 88 -15.65 12.04 -4.08
CA VAL C 88 -15.38 10.66 -3.66
C VAL C 88 -14.01 10.25 -4.20
N THR C 89 -13.70 10.73 -5.40
CA THR C 89 -12.35 10.51 -5.96
C THR C 89 -11.27 11.12 -5.10
N MET C 90 -11.50 12.36 -4.68
CA MET C 90 -10.60 13.10 -3.82
C MET C 90 -10.45 12.43 -2.44
N TYR C 91 -11.57 11.96 -1.89
CA TYR C 91 -11.60 11.49 -0.50
C TYR C 91 -12.62 10.38 -0.41
N PRO C 92 -12.18 9.15 -0.68
CA PRO C 92 -13.10 8.01 -0.87
C PRO C 92 -13.94 7.72 0.38
N SER C 93 -13.46 8.09 1.56
CA SER C 93 -14.24 7.97 2.78
C SER C 93 -15.60 8.65 2.69
N TYR C 94 -15.74 9.67 1.85
CA TYR C 94 -17.05 10.29 1.68
C TYR C 94 -18.08 9.25 1.30
N GLN C 95 -17.70 8.27 0.46
CA GLN C 95 -18.70 7.29 0.05
C GLN C 95 -19.08 6.36 1.19
N ASP C 96 -18.11 5.98 2.02
CA ASP C 96 -18.41 5.21 3.23
C ASP C 96 -19.36 5.96 4.14
N TYR C 97 -19.08 7.24 4.40
CA TYR C 97 -19.93 8.02 5.29
C TYR C 97 -21.35 8.06 4.73
N GLN C 98 -21.47 8.12 3.41
CA GLN C 98 -22.80 8.26 2.82
C GLN C 98 -23.52 6.90 2.99
N SER C 99 -22.76 5.81 2.89
CA SER C 99 -23.36 4.49 3.06
C SER C 99 -23.84 4.27 4.48
N TRP C 100 -23.01 4.66 5.43
CA TRP C 100 -23.33 4.42 6.82
C TRP C 100 -24.41 5.37 7.36
N THR C 101 -24.72 6.45 6.66
CA THR C 101 -25.72 7.38 7.21
C THR C 101 -27.05 7.22 6.56
N ASP C 102 -28.08 7.35 7.35
CA ASP C 102 -29.40 7.37 6.74
C ASP C 102 -29.64 8.66 5.98
N ARG C 103 -29.39 9.81 6.62
CA ARG C 103 -29.50 11.05 5.89
C ARG C 103 -28.66 11.03 4.62
N THR C 104 -29.12 11.71 3.59
CA THR C 104 -28.28 11.98 2.43
C THR C 104 -27.30 13.11 2.82
N ILE C 105 -26.01 12.85 2.72
CA ILE C 105 -25.01 13.86 3.08
C ILE C 105 -25.11 15.06 2.16
N PRO C 106 -25.37 16.26 2.76
CA PRO C 106 -25.57 17.44 1.92
C PRO C 106 -24.32 17.78 1.17
N ILE C 107 -24.53 18.24 -0.05
CA ILE C 107 -23.44 18.79 -0.82
C ILE C 107 -23.78 20.26 -0.95
N VAL C 108 -22.86 21.10 -0.47
CA VAL C 108 -23.16 22.53 -0.40
C VAL C 108 -22.36 23.27 -1.43
N VAL C 109 -23.06 24.05 -2.24
CA VAL C 109 -22.40 24.86 -3.27
C VAL C 109 -22.38 26.29 -2.80
N CYS C 110 -21.19 26.83 -2.58
CA CYS C 110 -21.05 28.22 -2.19
C CYS C 110 -20.68 29.04 -3.41
N GLU C 111 -21.52 30.01 -3.75
CA GLU C 111 -21.28 30.72 -4.97
C GLU C 111 -21.22 32.23 -4.78
N PRO C 112 -20.46 32.90 -5.66
CA PRO C 112 -20.20 34.33 -5.55
C PRO C 112 -21.49 35.13 -5.57
N LYS D 4 -12.80 2.14 12.35
CA LYS D 4 -12.46 2.02 10.93
C LYS D 4 -13.74 1.79 10.12
N ILE D 5 -14.38 0.63 10.25
CA ILE D 5 -15.77 0.49 9.75
C ILE D 5 -16.69 0.36 10.95
N PRO D 6 -17.73 1.21 11.07
CA PRO D 6 -18.53 1.12 12.30
C PRO D 6 -19.43 -0.11 12.27
N VAL D 7 -19.82 -0.59 13.44
CA VAL D 7 -20.72 -1.75 13.47
C VAL D 7 -22.11 -1.35 13.97
N ALA D 8 -23.08 -2.12 13.53
CA ALA D 8 -24.42 -2.01 14.09
C ALA D 8 -24.57 -3.17 15.02
N LEU D 9 -25.33 -2.99 16.10
CA LEU D 9 -25.63 -4.11 16.97
C LEU D 9 -27.05 -4.59 16.67
N LEU D 10 -27.13 -5.79 16.10
CA LEU D 10 -28.41 -6.36 15.74
C LEU D 10 -28.86 -7.27 16.86
N THR D 11 -30.06 -7.00 17.37
CA THR D 11 -30.64 -7.91 18.32
C THR D 11 -31.77 -8.66 17.64
N THR D 12 -31.65 -9.98 17.65
CA THR D 12 -32.68 -10.85 17.15
C THR D 12 -33.25 -11.64 18.33
N THR D 13 -34.42 -12.23 18.12
CA THR D 13 -35.05 -13.06 19.15
C THR D 13 -34.66 -14.50 18.84
N GLY D 14 -34.02 -15.14 19.80
CA GLY D 14 -33.52 -16.49 19.57
C GLY D 14 -34.68 -17.37 19.19
N ARG D 15 -34.50 -18.19 18.16
CA ARG D 15 -35.64 -18.96 17.69
C ARG D 15 -35.94 -20.14 18.59
N LYS D 16 -35.05 -20.42 19.54
CA LYS D 16 -35.27 -21.54 20.45
C LYS D 16 -35.51 -21.13 21.91
N THR D 17 -35.24 -19.88 22.22
CA THR D 17 -35.27 -19.46 23.61
C THR D 17 -36.14 -18.22 23.78
N GLY D 18 -36.28 -17.45 22.70
CA GLY D 18 -37.00 -16.19 22.79
C GLY D 18 -36.12 -15.11 23.42
N GLN D 19 -34.90 -15.46 23.76
CA GLN D 19 -33.94 -14.54 24.38
C GLN D 19 -33.38 -13.57 23.37
N PRO D 20 -33.16 -12.31 23.80
CA PRO D 20 -32.48 -11.38 22.91
C PRO D 20 -31.06 -11.89 22.63
N ARG D 21 -30.63 -11.88 21.37
CA ARG D 21 -29.26 -12.26 21.00
C ARG D 21 -28.70 -11.07 20.23
N VAL D 22 -27.51 -10.61 20.56
CA VAL D 22 -26.94 -9.44 19.88
C VAL D 22 -25.66 -9.78 19.16
N ASN D 23 -25.47 -9.23 17.96
CA ASN D 23 -24.29 -9.53 17.17
C ASN D 23 -23.90 -8.24 16.48
N PRO D 24 -22.60 -7.93 16.47
CA PRO D 24 -22.19 -6.76 15.68
C PRO D 24 -22.06 -7.12 14.20
N LEU D 25 -22.41 -6.18 13.32
CA LEU D 25 -22.43 -6.42 11.88
C LEU D 25 -22.09 -5.10 11.20
N TYR D 26 -21.45 -5.18 10.03
CA TYR D 26 -21.29 -3.97 9.25
C TYR D 26 -22.66 -3.70 8.65
N PHE D 27 -22.90 -2.49 8.17
CA PHE D 27 -24.23 -2.14 7.71
C PHE D 27 -24.23 -1.02 6.68
N LEU D 28 -25.34 -0.91 5.96
CA LEU D 28 -25.63 0.26 5.10
C LEU D 28 -26.94 0.81 5.59
N ARG D 29 -27.13 2.09 5.38
CA ARG D 29 -28.40 2.68 5.78
C ARG D 29 -29.00 3.34 4.56
N ASP D 30 -30.26 3.04 4.24
CA ASP D 30 -30.87 3.58 3.04
C ASP D 30 -32.32 3.86 3.37
N GLY D 31 -32.69 5.11 3.54
CA GLY D 31 -34.11 5.46 3.66
C GLY D 31 -34.90 4.79 4.78
N GLY D 32 -34.32 4.77 5.96
CA GLY D 32 -35.00 4.20 7.10
C GLY D 32 -34.63 2.74 7.27
N ARG D 33 -34.06 2.14 6.23
CA ARG D 33 -33.66 0.74 6.28
C ARG D 33 -32.24 0.60 6.78
N VAL D 34 -31.97 -0.54 7.41
CA VAL D 34 -30.62 -0.94 7.72
C VAL D 34 -30.39 -2.22 6.90
N ILE D 35 -29.29 -2.27 6.16
CA ILE D 35 -28.97 -3.45 5.36
CA ILE D 35 -28.96 -3.43 5.34
C ILE D 35 -27.72 -4.12 5.91
N VAL D 36 -27.78 -5.45 6.06
CA VAL D 36 -26.63 -6.17 6.55
C VAL D 36 -26.44 -7.43 5.71
N ALA D 37 -25.27 -8.02 5.77
CA ALA D 37 -25.00 -9.23 4.99
C ALA D 37 -24.63 -10.35 5.94
N ALA D 38 -25.23 -11.50 5.73
CA ALA D 38 -25.02 -12.65 6.63
C ALA D 38 -23.84 -13.49 6.12
N SER D 39 -22.68 -12.85 6.12
CA SER D 39 -21.48 -13.43 5.53
C SER D 39 -20.76 -14.41 6.46
N LYS D 40 -20.78 -14.11 7.76
CA LYS D 40 -20.09 -14.92 8.77
C LYS D 40 -18.70 -15.35 8.28
N GLY D 41 -17.93 -14.38 7.82
CA GLY D 41 -16.55 -14.60 7.42
C GLY D 41 -16.35 -15.62 6.31
N GLY D 42 -17.36 -15.84 5.48
CA GLY D 42 -17.23 -16.84 4.46
C GLY D 42 -17.51 -18.27 4.93
N ALA D 43 -18.13 -18.46 6.10
CA ALA D 43 -18.48 -19.81 6.55
C ALA D 43 -19.44 -20.55 5.61
N GLU D 44 -19.41 -21.89 5.68
CA GLU D 44 -20.35 -22.77 4.98
C GLU D 44 -21.80 -22.43 5.29
N LYS D 45 -22.13 -22.35 6.58
CA LYS D 45 -23.52 -22.27 6.98
C LYS D 45 -23.93 -20.81 7.23
N ASN D 46 -25.19 -20.46 7.04
CA ASN D 46 -25.63 -19.12 7.44
C ASN D 46 -25.49 -18.93 8.94
N PRO D 47 -25.29 -17.69 9.39
CA PRO D 47 -25.19 -17.44 10.84
C PRO D 47 -26.53 -17.67 11.55
N MET D 48 -26.43 -17.97 12.85
CA MET D 48 -27.62 -18.19 13.67
C MET D 48 -28.49 -16.95 13.74
N TRP D 49 -27.91 -15.76 13.66
CA TRP D 49 -28.77 -14.60 13.81
C TRP D 49 -29.69 -14.46 12.60
N TYR D 50 -29.19 -14.87 11.44
CA TYR D 50 -29.97 -14.89 10.22
C TYR D 50 -31.13 -15.89 10.37
N LEU D 51 -30.86 -17.10 10.87
CA LEU D 51 -31.95 -18.04 11.18
C LEU D 51 -32.97 -17.48 12.18
N ASN D 52 -32.51 -16.74 13.18
CA ASN D 52 -33.44 -16.13 14.12
C ASN D 52 -34.40 -15.16 13.44
N LEU D 53 -33.86 -14.31 12.55
CA LEU D 53 -34.73 -13.31 11.98
C LEU D 53 -35.58 -13.86 10.85
N LYS D 54 -35.20 -15.00 10.27
CA LYS D 54 -36.10 -15.66 9.30
C LYS D 54 -37.30 -16.27 10.06
N ALA D 55 -37.09 -16.62 11.32
CA ALA D 55 -38.17 -17.14 12.17
C ALA D 55 -38.96 -16.03 12.90
N ASN D 56 -38.25 -15.05 13.41
CA ASN D 56 -38.87 -13.89 14.05
C ASN D 56 -38.35 -12.63 13.42
N PRO D 57 -39.15 -12.02 12.53
CA PRO D 57 -38.59 -10.92 11.73
C PRO D 57 -38.42 -9.63 12.50
N LYS D 58 -38.99 -9.50 13.69
CA LYS D 58 -38.82 -8.26 14.44
C LYS D 58 -37.43 -8.25 15.06
N VAL D 59 -36.68 -7.19 14.75
CA VAL D 59 -35.34 -7.06 15.28
C VAL D 59 -35.19 -5.67 15.84
N GLN D 60 -34.09 -5.46 16.54
CA GLN D 60 -33.74 -4.13 16.96
C GLN D 60 -32.33 -3.92 16.47
N VAL D 61 -32.06 -2.73 15.98
CA VAL D 61 -30.72 -2.40 15.55
C VAL D 61 -30.27 -1.17 16.32
N GLN D 62 -29.10 -1.27 16.93
CA GLN D 62 -28.54 -0.12 17.59
C GLN D 62 -27.35 0.38 16.82
N ILE D 63 -27.41 1.65 16.45
CA ILE D 63 -26.31 2.31 15.75
C ILE D 63 -25.94 3.57 16.54
N LYS D 64 -24.80 3.55 17.22
CA LYS D 64 -24.45 4.62 18.14
C LYS D 64 -25.58 4.78 19.16
N LYS D 65 -26.21 5.96 19.22
CA LYS D 65 -27.27 6.21 20.22
C LYS D 65 -28.65 5.75 19.75
N GLU D 66 -28.82 5.59 18.45
CA GLU D 66 -30.12 5.20 17.91
C GLU D 66 -30.42 3.74 18.16
N VAL D 67 -31.62 3.49 18.66
CA VAL D 67 -32.10 2.14 18.79
C VAL D 67 -33.36 2.03 17.92
N LEU D 68 -33.31 1.15 16.91
CA LEU D 68 -34.35 1.10 15.89
C LEU D 68 -35.11 -0.20 15.96
N ASP D 69 -36.44 -0.13 16.01
CA ASP D 69 -37.27 -1.33 15.98
C ASP D 69 -37.66 -1.57 14.52
N LEU D 70 -37.19 -2.67 13.96
CA LEU D 70 -37.29 -2.92 12.53
C LEU D 70 -37.83 -4.32 12.24
N THR D 71 -38.15 -4.59 10.99
CA THR D 71 -38.65 -5.89 10.56
C THR D 71 -37.78 -6.38 9.42
N ALA D 72 -37.21 -7.56 9.61
CA ALA D 72 -36.18 -8.03 8.72
C ALA D 72 -36.76 -8.91 7.63
N ARG D 73 -36.18 -8.84 6.44
CA ARG D 73 -36.58 -9.72 5.35
C ARG D 73 -35.43 -9.85 4.38
N ASP D 74 -35.48 -10.86 3.51
CA ASP D 74 -34.44 -11.03 2.53
C ASP D 74 -34.53 -9.92 1.49
N ALA D 75 -33.38 -9.48 0.98
CA ALA D 75 -33.35 -8.56 -0.14
C ALA D 75 -33.92 -9.21 -1.37
N THR D 76 -34.74 -8.46 -2.10
CA THR D 76 -35.18 -8.89 -3.44
C THR D 76 -33.99 -8.89 -4.40
N ASP D 77 -34.15 -9.52 -5.55
CA ASP D 77 -33.09 -9.54 -6.54
C ASP D 77 -32.65 -8.14 -6.91
N GLU D 78 -33.63 -7.26 -7.10
CA GLU D 78 -33.36 -5.88 -7.46
C GLU D 78 -32.61 -5.16 -6.33
N GLU D 79 -32.98 -5.47 -5.10
CA GLU D 79 -32.34 -4.84 -3.97
C GLU D 79 -30.91 -5.35 -3.86
N ARG D 80 -30.69 -6.63 -4.14
CA ARG D 80 -29.31 -7.14 -4.09
C ARG D 80 -28.46 -6.43 -5.11
N ALA D 81 -29.04 -6.12 -6.27
CA ALA D 81 -28.27 -5.47 -7.32
C ALA D 81 -27.87 -4.09 -6.90
N GLU D 82 -28.66 -3.47 -6.02
CA GLU D 82 -28.35 -2.14 -5.55
C GLU D 82 -27.40 -2.22 -4.37
N TYR D 83 -27.72 -3.05 -3.39
CA TYR D 83 -26.95 -3.03 -2.15
C TYR D 83 -25.62 -3.76 -2.22
N TRP D 84 -25.56 -4.85 -2.96
CA TRP D 84 -24.36 -5.68 -2.89
C TRP D 84 -23.10 -4.89 -3.28
N PRO D 85 -23.16 -4.15 -4.41
CA PRO D 85 -21.96 -3.39 -4.77
C PRO D 85 -21.60 -2.33 -3.73
N GLN D 86 -22.58 -1.75 -3.05
CA GLN D 86 -22.26 -0.76 -2.02
C GLN D 86 -21.60 -1.45 -0.85
N LEU D 87 -22.05 -2.66 -0.51
CA LEU D 87 -21.41 -3.42 0.57
C LEU D 87 -19.97 -3.80 0.22
N VAL D 88 -19.77 -4.26 -1.02
CA VAL D 88 -18.45 -4.66 -1.47
C VAL D 88 -17.50 -3.47 -1.54
N THR D 89 -18.01 -2.32 -1.97
CA THR D 89 -17.23 -1.10 -1.91
C THR D 89 -16.77 -0.78 -0.49
N MET D 90 -17.66 -0.93 0.49
CA MET D 90 -17.35 -0.68 1.91
C MET D 90 -16.32 -1.68 2.45
N TYR D 91 -16.52 -2.94 2.10
CA TYR D 91 -15.81 -4.03 2.74
C TYR D 91 -15.58 -5.06 1.63
N PRO D 92 -14.48 -4.88 0.87
CA PRO D 92 -14.27 -5.70 -0.33
C PRO D 92 -14.24 -7.22 -0.04
N SER D 93 -13.86 -7.60 1.18
CA SER D 93 -13.88 -9.02 1.55
C SER D 93 -15.22 -9.73 1.32
N TYR D 94 -16.33 -8.99 1.38
CA TYR D 94 -17.61 -9.63 1.13
C TYR D 94 -17.58 -10.43 -0.19
N GLN D 95 -16.91 -9.87 -1.19
CA GLN D 95 -16.90 -10.50 -2.51
C GLN D 95 -16.12 -11.78 -2.43
N ASP D 96 -15.06 -11.79 -1.64
CA ASP D 96 -14.25 -12.99 -1.50
C ASP D 96 -15.09 -14.03 -0.80
N TYR D 97 -15.74 -13.60 0.28
CA TYR D 97 -16.54 -14.54 1.04
C TYR D 97 -17.62 -15.17 0.14
N GLN D 98 -18.16 -14.37 -0.76
CA GLN D 98 -19.25 -14.86 -1.63
C GLN D 98 -18.63 -15.88 -2.61
N SER D 99 -17.43 -15.57 -3.09
CA SER D 99 -16.72 -16.50 -4.00
C SER D 99 -16.43 -17.84 -3.33
N TRP D 100 -15.96 -17.81 -2.08
CA TRP D 100 -15.55 -19.02 -1.36
C TRP D 100 -16.71 -19.83 -0.80
N THR D 101 -17.91 -19.25 -0.77
CA THR D 101 -19.06 -19.98 -0.26
C THR D 101 -19.95 -20.49 -1.38
N ASP D 102 -20.52 -21.66 -1.14
CA ASP D 102 -21.46 -22.20 -2.10
C ASP D 102 -22.81 -21.50 -1.91
N ARG D 103 -23.25 -21.38 -0.65
CA ARG D 103 -24.46 -20.61 -0.40
C ARG D 103 -24.31 -19.20 -0.97
N THR D 104 -25.44 -18.61 -1.35
CA THR D 104 -25.47 -17.21 -1.65
C THR D 104 -25.56 -16.47 -0.30
N ILE D 105 -24.68 -15.50 -0.09
CA ILE D 105 -24.71 -14.79 1.18
C ILE D 105 -25.98 -13.95 1.23
N PRO D 106 -26.83 -14.17 2.25
CA PRO D 106 -28.07 -13.39 2.39
C PRO D 106 -27.72 -11.91 2.55
N ILE D 107 -28.59 -11.07 1.99
CA ILE D 107 -28.54 -9.65 2.28
C ILE D 107 -29.87 -9.43 2.94
N VAL D 108 -29.82 -8.84 4.13
CA VAL D 108 -31.01 -8.64 4.93
C VAL D 108 -31.40 -7.16 4.98
N VAL D 109 -32.64 -6.87 4.61
CA VAL D 109 -33.16 -5.52 4.62
C VAL D 109 -34.02 -5.40 5.89
N CYS D 110 -33.58 -4.59 6.85
CA CYS D 110 -34.41 -4.30 8.01
C CYS D 110 -35.15 -2.97 7.82
N GLU D 111 -36.47 -3.01 7.86
CA GLU D 111 -37.25 -1.81 7.66
C GLU D 111 -38.20 -1.48 8.81
N PRO D 112 -38.56 -0.19 8.94
CA PRO D 112 -39.43 0.29 10.03
C PRO D 112 -40.85 -0.23 9.86
N LYS E 4 12.35 8.66 -9.63
CA LYS E 4 11.01 8.09 -9.59
C LYS E 4 10.16 8.58 -10.77
N ILE E 5 9.79 9.85 -10.82
CA ILE E 5 9.27 10.43 -12.06
C ILE E 5 10.35 11.42 -12.57
N PRO E 6 10.82 11.24 -13.81
CA PRO E 6 11.87 12.14 -14.29
C PRO E 6 11.34 13.52 -14.51
N VAL E 7 12.21 14.52 -14.45
CA VAL E 7 11.77 15.89 -14.71
C VAL E 7 12.40 16.42 -15.97
N ALA E 8 11.75 17.41 -16.56
CA ALA E 8 12.32 18.14 -17.68
C ALA E 8 12.70 19.49 -17.12
N LEU E 9 13.76 20.08 -17.64
CA LEU E 9 14.09 21.41 -17.19
C LEU E 9 13.59 22.37 -18.24
N LEU E 10 12.58 23.14 -17.87
CA LEU E 10 12.02 24.14 -18.78
C LEU E 10 12.67 25.49 -18.55
N THR E 11 13.26 26.06 -19.60
CA THR E 11 13.78 27.42 -19.51
C THR E 11 12.87 28.34 -20.28
N THR E 12 12.42 29.37 -19.61
CA THR E 12 11.60 30.43 -20.21
C THR E 12 12.33 31.75 -20.06
N THR E 13 11.98 32.71 -20.91
CA THR E 13 12.55 34.04 -20.82
C THR E 13 11.67 34.82 -19.85
N GLY E 14 12.23 35.32 -18.76
CA GLY E 14 11.44 36.11 -17.82
C GLY E 14 10.78 37.30 -18.52
N ARG E 15 9.46 37.41 -18.36
CA ARG E 15 8.71 38.34 -19.18
C ARG E 15 8.99 39.78 -18.78
N LYS E 16 9.60 39.98 -17.62
CA LYS E 16 10.04 41.32 -17.21
C LYS E 16 11.54 41.57 -17.44
N THR E 17 12.37 40.59 -17.08
CA THR E 17 13.79 40.82 -16.96
C THR E 17 14.56 40.31 -18.16
N GLY E 18 14.01 39.32 -18.85
CA GLY E 18 14.70 38.73 -19.97
C GLY E 18 15.72 37.70 -19.56
N GLN E 19 15.85 37.49 -18.25
CA GLN E 19 16.77 36.47 -17.73
C GLN E 19 16.16 35.09 -17.96
N PRO E 20 16.97 34.10 -18.32
CA PRO E 20 16.48 32.72 -18.42
C PRO E 20 16.08 32.24 -17.04
N ARG E 21 14.90 31.65 -16.94
CA ARG E 21 14.37 31.11 -15.69
C ARG E 21 14.21 29.63 -15.96
N VAL E 22 14.74 28.78 -15.09
CA VAL E 22 14.64 27.37 -15.34
C VAL E 22 13.88 26.73 -14.18
N ASN E 23 13.02 25.78 -14.51
CA ASN E 23 12.18 25.12 -13.51
C ASN E 23 12.04 23.68 -13.91
N PRO E 24 12.14 22.76 -12.93
CA PRO E 24 11.85 21.34 -13.14
C PRO E 24 10.31 21.08 -13.25
N LEU E 25 9.88 20.26 -14.22
CA LEU E 25 8.49 19.89 -14.42
C LEU E 25 8.38 18.43 -14.83
N TYR E 26 7.30 17.77 -14.44
CA TYR E 26 6.99 16.48 -15.03
C TYR E 26 6.53 16.70 -16.47
N PHE E 27 6.53 15.64 -17.28
CA PHE E 27 6.27 15.86 -18.69
C PHE E 27 5.76 14.60 -19.38
N LEU E 28 5.18 14.81 -20.56
CA LEU E 28 4.92 13.73 -21.53
C LEU E 28 5.63 14.11 -22.80
N ARG E 29 5.99 13.11 -23.61
CA ARG E 29 6.52 13.42 -24.94
C ARG E 29 5.66 12.73 -25.99
N ASP E 30 5.34 13.44 -27.06
CA ASP E 30 4.45 12.88 -28.07
C ASP E 30 4.76 13.54 -29.39
N GLY E 31 5.22 12.75 -30.37
CA GLY E 31 5.36 13.27 -31.72
C GLY E 31 6.27 14.47 -31.84
N GLY E 32 7.33 14.49 -31.05
CA GLY E 32 8.22 15.61 -31.03
C GLY E 32 7.79 16.74 -30.10
N ARG E 33 6.60 16.64 -29.50
CA ARG E 33 6.15 17.66 -28.54
C ARG E 33 6.56 17.27 -27.13
N VAL E 34 6.68 18.28 -26.28
CA VAL E 34 6.82 18.05 -24.83
C VAL E 34 5.61 18.73 -24.21
N ILE E 35 4.89 17.99 -23.37
CA ILE E 35 3.65 18.44 -22.75
C ILE E 35 3.92 18.59 -21.27
N VAL E 36 3.58 19.76 -20.71
CA VAL E 36 3.71 19.98 -19.26
C VAL E 36 2.42 20.59 -18.70
N ALA E 37 2.25 20.48 -17.39
CA ALA E 37 1.05 21.01 -16.72
C ALA E 37 1.49 22.10 -15.73
N ALA E 38 0.87 23.26 -15.83
CA ALA E 38 1.21 24.40 -14.97
C ALA E 38 0.42 24.30 -13.65
N SER E 39 0.71 23.24 -12.90
CA SER E 39 -0.08 22.94 -11.72
C SER E 39 0.37 23.71 -10.48
N LYS E 40 1.68 23.92 -10.33
CA LYS E 40 2.25 24.60 -9.18
C LYS E 40 1.59 24.09 -7.89
N GLY E 41 1.53 22.77 -7.77
CA GLY E 41 1.08 22.13 -6.52
C GLY E 41 -0.33 22.53 -6.10
N GLY E 42 -1.14 22.95 -7.07
CA GLY E 42 -2.51 23.37 -6.78
C GLY E 42 -2.65 24.78 -6.21
N ALA E 43 -1.66 25.65 -6.41
CA ALA E 43 -1.74 27.03 -5.93
C ALA E 43 -2.85 27.76 -6.68
N GLU E 44 -3.41 28.83 -6.12
CA GLU E 44 -4.52 29.42 -6.88
C GLU E 44 -4.04 30.18 -8.12
N LYS E 45 -2.83 30.73 -8.08
CA LYS E 45 -2.32 31.43 -9.25
C LYS E 45 -1.44 30.57 -10.19
N ASN E 46 -1.51 30.85 -11.49
CA ASN E 46 -0.61 30.16 -12.44
C ASN E 46 0.87 30.41 -12.07
N PRO E 47 1.75 29.44 -12.35
CA PRO E 47 3.18 29.68 -12.10
C PRO E 47 3.72 30.78 -13.02
N MET E 48 4.78 31.44 -12.56
CA MET E 48 5.44 32.49 -13.32
C MET E 48 5.99 31.96 -14.62
N TRP E 49 6.46 30.72 -14.66
CA TRP E 49 7.02 30.23 -15.93
C TRP E 49 5.93 30.16 -16.99
N TYR E 50 4.69 29.93 -16.55
CA TYR E 50 3.55 29.86 -17.45
C TYR E 50 3.31 31.24 -18.04
N LEU E 51 3.26 32.25 -17.17
CA LEU E 51 3.15 33.64 -17.62
C LEU E 51 4.28 34.01 -18.56
N ASN E 52 5.49 33.55 -18.26
CA ASN E 52 6.62 33.86 -19.14
C ASN E 52 6.43 33.31 -20.55
N LEU E 53 6.03 32.04 -20.65
CA LEU E 53 5.92 31.47 -21.98
C LEU E 53 4.67 31.98 -22.72
N LYS E 54 3.68 32.47 -21.99
CA LYS E 54 2.55 33.12 -22.66
C LYS E 54 3.04 34.43 -23.28
N ALA E 55 3.98 35.11 -22.63
CA ALA E 55 4.54 36.34 -23.17
C ALA E 55 5.58 36.09 -24.26
N ASN E 56 6.45 35.12 -24.02
CA ASN E 56 7.44 34.73 -25.02
C ASN E 56 7.45 33.23 -25.21
N PRO E 57 6.84 32.77 -26.28
CA PRO E 57 6.58 31.33 -26.46
C PRO E 57 7.85 30.50 -26.70
N LYS E 58 8.93 31.14 -27.14
CA LYS E 58 10.18 30.41 -27.37
C LYS E 58 10.73 29.89 -26.05
N VAL E 59 10.85 28.57 -25.95
CA VAL E 59 11.33 27.92 -24.73
C VAL E 59 12.42 26.92 -25.05
N GLN E 60 13.15 26.51 -24.03
CA GLN E 60 14.11 25.44 -24.20
C GLN E 60 13.77 24.38 -23.16
N VAL E 61 13.75 23.13 -23.58
CA VAL E 61 13.47 22.01 -22.66
C VAL E 61 14.65 21.05 -22.67
N GLN E 62 15.18 20.78 -21.49
CA GLN E 62 16.27 19.82 -21.37
C GLN E 62 15.72 18.57 -20.73
N ILE E 63 15.88 17.45 -21.42
CA ILE E 63 15.47 16.15 -20.91
C ILE E 63 16.68 15.25 -21.02
N LYS E 64 17.25 14.92 -19.86
CA LYS E 64 18.55 14.26 -19.79
C LYS E 64 19.58 15.09 -20.56
N LYS E 65 20.16 14.53 -21.61
CA LYS E 65 21.10 15.37 -22.38
C LYS E 65 20.49 16.06 -23.61
N GLU E 66 19.28 15.66 -24.00
CA GLU E 66 18.60 16.36 -25.08
C GLU E 66 18.26 17.78 -24.67
N VAL E 67 18.70 18.74 -25.46
CA VAL E 67 18.23 20.09 -25.27
C VAL E 67 17.40 20.50 -26.48
N LEU E 68 16.13 20.82 -26.26
CA LEU E 68 15.21 21.05 -27.37
C LEU E 68 14.76 22.51 -27.44
N ASP E 69 14.79 23.08 -28.64
CA ASP E 69 14.28 24.43 -28.85
C ASP E 69 12.86 24.32 -29.35
N LEU E 70 11.90 24.80 -28.56
CA LEU E 70 10.50 24.55 -28.86
C LEU E 70 9.72 25.83 -28.71
N THR E 71 8.50 25.84 -29.24
CA THR E 71 7.58 26.98 -29.09
C THR E 71 6.39 26.50 -28.29
N ALA E 72 6.03 27.25 -27.25
CA ALA E 72 4.98 26.79 -26.32
C ALA E 72 3.63 27.43 -26.64
N ARG E 73 2.56 26.68 -26.44
CA ARG E 73 1.21 27.23 -26.59
C ARG E 73 0.29 26.41 -25.68
N ASP E 74 -0.92 26.89 -25.44
CA ASP E 74 -1.91 26.13 -24.66
C ASP E 74 -2.38 24.95 -25.49
N ALA E 75 -2.61 23.83 -24.83
CA ALA E 75 -3.23 22.68 -25.48
C ALA E 75 -4.64 23.07 -25.92
N THR E 76 -5.09 22.53 -27.04
CA THR E 76 -6.47 22.77 -27.46
C THR E 76 -7.34 21.83 -26.63
N ASP E 77 -8.66 21.95 -26.73
CA ASP E 77 -9.53 21.06 -25.94
C ASP E 77 -9.37 19.61 -26.35
N GLU E 78 -9.15 19.37 -27.64
CA GLU E 78 -8.93 18.03 -28.12
C GLU E 78 -7.65 17.49 -27.49
N GLU E 79 -6.63 18.33 -27.41
CA GLU E 79 -5.34 17.91 -26.89
C GLU E 79 -5.43 17.68 -25.40
N ARG E 80 -6.16 18.53 -24.68
CA ARG E 80 -6.35 18.31 -23.24
C ARG E 80 -7.01 16.96 -22.99
N ALA E 81 -8.01 16.62 -23.80
CA ALA E 81 -8.76 15.38 -23.58
C ALA E 81 -7.85 14.17 -23.80
N GLU E 82 -6.83 14.33 -24.64
CA GLU E 82 -5.86 13.26 -24.87
C GLU E 82 -4.78 13.25 -23.80
N TYR E 83 -4.24 14.42 -23.45
CA TYR E 83 -3.04 14.48 -22.60
C TYR E 83 -3.32 14.43 -21.09
N TRP E 84 -4.43 15.04 -20.70
CA TRP E 84 -4.74 15.13 -19.26
C TRP E 84 -4.83 13.74 -18.63
N PRO E 85 -5.60 12.82 -19.25
CA PRO E 85 -5.59 11.47 -18.66
C PRO E 85 -4.20 10.89 -18.55
N GLN E 86 -3.35 11.15 -19.54
CA GLN E 86 -2.01 10.57 -19.45
C GLN E 86 -1.17 11.17 -18.33
N LEU E 87 -1.31 12.47 -18.14
CA LEU E 87 -0.64 13.17 -17.02
C LEU E 87 -1.14 12.61 -15.69
N VAL E 88 -2.46 12.45 -15.58
CA VAL E 88 -3.06 11.98 -14.34
C VAL E 88 -2.62 10.54 -14.04
N THR E 89 -2.58 9.70 -15.07
CA THR E 89 -2.02 8.38 -14.89
C THR E 89 -0.57 8.42 -14.38
N MET E 90 0.26 9.31 -14.92
CA MET E 90 1.65 9.43 -14.46
C MET E 90 1.73 9.95 -13.03
N TYR E 91 0.89 10.94 -12.72
CA TYR E 91 1.01 11.63 -11.44
C TYR E 91 -0.38 11.99 -10.96
N PRO E 92 -1.00 11.08 -10.23
CA PRO E 92 -2.41 11.21 -9.90
C PRO E 92 -2.70 12.50 -9.15
N SER E 93 -1.74 13.06 -8.43
CA SER E 93 -2.00 14.34 -7.74
C SER E 93 -2.49 15.45 -8.69
N TYR E 94 -2.16 15.39 -9.97
CA TYR E 94 -2.65 16.42 -10.85
C TYR E 94 -4.15 16.56 -10.74
N GLN E 95 -4.87 15.45 -10.56
CA GLN E 95 -6.33 15.53 -10.56
C GLN E 95 -6.78 16.23 -9.26
N ASP E 96 -6.08 15.93 -8.17
CA ASP E 96 -6.39 16.61 -6.88
C ASP E 96 -6.11 18.08 -7.03
N TYR E 97 -4.98 18.43 -7.65
CA TYR E 97 -4.66 19.86 -7.81
C TYR E 97 -5.73 20.54 -8.63
N GLN E 98 -6.21 19.85 -9.66
CA GLN E 98 -7.22 20.47 -10.52
C GLN E 98 -8.51 20.69 -9.69
N SER E 99 -8.85 19.71 -8.87
CA SER E 99 -10.06 19.78 -8.07
C SER E 99 -9.99 20.97 -7.09
N TRP E 100 -8.83 21.18 -6.48
CA TRP E 100 -8.65 22.19 -5.42
C TRP E 100 -8.47 23.57 -5.96
N THR E 101 -8.21 23.70 -7.26
CA THR E 101 -8.01 25.03 -7.80
C THR E 101 -9.20 25.51 -8.62
N ASP E 102 -9.47 26.80 -8.50
CA ASP E 102 -10.51 27.36 -9.36
C ASP E 102 -10.06 27.48 -10.81
N ARG E 103 -8.88 28.06 -11.03
CA ARG E 103 -8.34 28.11 -12.38
C ARG E 103 -8.26 26.71 -12.98
N THR E 104 -8.39 26.63 -14.29
CA THR E 104 -8.14 25.40 -15.02
C THR E 104 -6.64 25.30 -15.21
N ILE E 105 -6.05 24.23 -14.73
CA ILE E 105 -4.60 24.11 -14.76
C ILE E 105 -4.19 24.05 -16.22
N PRO E 106 -3.34 24.98 -16.66
CA PRO E 106 -2.94 24.93 -18.08
C PRO E 106 -2.18 23.66 -18.43
N ILE E 107 -2.39 23.20 -19.66
CA ILE E 107 -1.54 22.14 -20.19
C ILE E 107 -0.82 22.81 -21.35
N VAL E 108 0.50 22.74 -21.34
CA VAL E 108 1.30 23.50 -22.28
C VAL E 108 1.93 22.53 -23.24
N VAL E 109 1.68 22.73 -24.53
CA VAL E 109 2.30 21.92 -25.56
C VAL E 109 3.48 22.67 -26.11
N CYS E 110 4.67 22.12 -25.97
CA CYS E 110 5.86 22.74 -26.54
C CYS E 110 6.25 22.00 -27.84
N GLU E 111 6.35 22.72 -28.95
CA GLU E 111 6.56 22.04 -30.21
C GLU E 111 7.72 22.59 -31.03
N PRO E 112 8.31 21.75 -31.90
CA PRO E 112 9.47 22.15 -32.70
C PRO E 112 9.24 23.40 -33.54
N LYS F 4 -8.86 12.82 7.85
CA LYS F 4 -7.82 11.89 8.26
C LYS F 4 -7.00 12.46 9.40
N ILE F 5 -6.40 13.64 9.23
CA ILE F 5 -5.72 14.29 10.35
C ILE F 5 -6.46 15.58 10.68
N PRO F 6 -6.95 15.69 11.91
CA PRO F 6 -7.74 16.89 12.21
C PRO F 6 -6.83 18.09 12.27
N VAL F 7 -7.41 19.25 12.03
CA VAL F 7 -6.60 20.46 12.10
C VAL F 7 -7.01 21.36 13.26
N ALA F 8 -6.08 22.17 13.71
CA ALA F 8 -6.38 23.19 14.69
C ALA F 8 -6.40 24.47 13.90
N LEU F 9 -7.26 25.41 14.29
CA LEU F 9 -7.21 26.71 13.65
C LEU F 9 -6.48 27.70 14.55
N LEU F 10 -5.36 28.21 14.05
CA LEU F 10 -4.54 29.13 14.83
C LEU F 10 -4.85 30.54 14.38
N THR F 11 -5.26 31.40 15.34
CA THR F 11 -5.41 32.80 15.04
C THR F 11 -4.24 33.60 15.58
N THR F 12 -3.57 34.34 14.69
CA THR F 12 -2.49 35.23 15.09
C THR F 12 -2.85 36.65 14.71
N THR F 13 -2.16 37.59 15.33
CA THR F 13 -2.37 38.97 14.99
C THR F 13 -1.35 39.35 13.93
N GLY F 14 -1.82 39.91 12.81
CA GLY F 14 -0.92 40.30 11.73
C GLY F 14 0.11 41.28 12.25
N ARG F 15 1.40 41.01 12.02
CA ARG F 15 2.42 41.84 12.68
C ARG F 15 2.52 43.21 12.01
N LYS F 16 2.07 43.31 10.76
CA LYS F 16 2.03 44.58 10.07
C LYS F 16 0.65 45.25 10.17
N THR F 17 -0.41 44.49 9.92
CA THR F 17 -1.75 45.08 9.81
C THR F 17 -2.57 45.09 11.10
N GLY F 18 -2.17 44.27 12.06
CA GLY F 18 -2.94 44.08 13.28
C GLY F 18 -4.23 43.29 13.09
N GLN F 19 -4.49 42.82 11.88
CA GLN F 19 -5.70 42.04 11.67
C GLN F 19 -5.57 40.58 12.15
N PRO F 20 -6.68 39.99 12.53
CA PRO F 20 -6.64 38.55 12.83
C PRO F 20 -6.32 37.75 11.57
N ARG F 21 -5.44 36.76 11.71
CA ARG F 21 -5.07 35.91 10.58
C ARG F 21 -5.31 34.49 11.07
N VAL F 22 -6.04 33.66 10.33
CA VAL F 22 -6.37 32.31 10.81
C VAL F 22 -5.74 31.32 9.82
N ASN F 23 -5.10 30.28 10.34
CA ASN F 23 -4.55 29.22 9.46
C ASN F 23 -4.78 27.86 10.06
N PRO F 24 -5.04 26.87 9.19
CA PRO F 24 -5.21 25.53 9.72
C PRO F 24 -3.83 24.83 9.85
N LEU F 25 -3.66 24.05 10.91
CA LEU F 25 -2.37 23.39 11.17
C LEU F 25 -2.63 22.06 11.82
N TYR F 26 -1.75 21.07 11.60
CA TYR F 26 -1.89 19.84 12.35
C TYR F 26 -1.33 20.12 13.72
N PHE F 27 -1.62 19.27 14.69
CA PHE F 27 -1.24 19.61 16.06
C PHE F 27 -1.14 18.39 16.93
N LEU F 28 -0.47 18.57 18.07
CA LEU F 28 -0.50 17.62 19.20
C LEU F 28 -1.04 18.39 20.40
N ARG F 29 -1.62 17.68 21.37
CA ARG F 29 -2.04 18.32 22.61
C ARG F 29 -1.36 17.59 23.77
N ASP F 30 -0.74 18.33 24.68
CA ASP F 30 -0.04 17.70 25.78
C ASP F 30 -0.14 18.63 26.98
N GLY F 31 -0.82 18.19 28.04
CA GLY F 31 -0.74 18.95 29.32
C GLY F 31 -1.24 20.39 29.27
N GLY F 32 -2.30 20.61 28.49
CA GLY F 32 -2.84 21.95 28.33
C GLY F 32 -2.17 22.74 27.21
N ARG F 33 -1.10 22.18 26.62
CA ARG F 33 -0.40 22.85 25.54
C ARG F 33 -0.90 22.36 24.19
N VAL F 34 -0.69 23.18 23.18
CA VAL F 34 -0.94 22.74 21.80
C VAL F 34 0.36 22.97 21.09
N ILE F 35 0.80 21.95 20.37
CA ILE F 35 2.06 22.02 19.68
CA ILE F 35 2.06 22.00 19.69
C ILE F 35 1.82 21.95 18.17
N VAL F 36 2.42 22.87 17.43
CA VAL F 36 2.30 22.84 15.96
C VAL F 36 3.68 23.05 15.40
N ALA F 37 3.83 22.73 14.11
CA ALA F 37 5.10 22.86 13.45
C ALA F 37 4.93 23.82 12.29
N ALA F 38 5.85 24.77 12.18
CA ALA F 38 5.79 25.74 11.08
C ALA F 38 6.48 25.26 9.82
N SER F 39 5.99 24.16 9.23
CA SER F 39 6.66 23.47 8.13
C SER F 39 6.37 24.14 6.78
N LYS F 40 5.17 24.72 6.62
CA LYS F 40 4.77 25.38 5.39
C LYS F 40 5.19 24.51 4.18
N GLY F 41 4.91 23.22 4.27
CA GLY F 41 5.20 22.29 3.18
C GLY F 41 6.66 22.23 2.73
N GLY F 42 7.60 22.52 3.64
CA GLY F 42 9.01 22.50 3.29
C GLY F 42 9.46 23.73 2.51
N ALA F 43 8.66 24.80 2.50
CA ALA F 43 9.07 26.06 1.86
C ALA F 43 10.35 26.59 2.51
N GLU F 44 11.14 27.40 1.80
CA GLU F 44 12.35 27.80 2.50
C GLU F 44 12.12 28.88 3.57
N LYS F 45 11.11 29.72 3.43
CA LYS F 45 10.94 30.72 4.49
C LYS F 45 9.94 30.27 5.51
N ASN F 46 10.05 30.78 6.74
CA ASN F 46 9.03 30.50 7.73
C ASN F 46 7.69 31.07 7.29
N PRO F 47 6.61 30.46 7.75
CA PRO F 47 5.31 30.97 7.36
C PRO F 47 5.02 32.28 8.06
N MET F 48 4.10 33.06 7.50
CA MET F 48 3.80 34.37 8.05
C MET F 48 3.18 34.26 9.43
N TRP F 49 2.36 33.23 9.65
CA TRP F 49 1.75 33.07 10.98
C TRP F 49 2.77 32.88 12.09
N TYR F 50 3.91 32.27 11.76
CA TYR F 50 4.99 32.13 12.70
C TYR F 50 5.64 33.49 12.94
N LEU F 51 5.92 34.26 11.89
CA LEU F 51 6.41 35.61 12.10
C LEU F 51 5.40 36.42 12.96
N ASN F 52 4.10 36.22 12.74
CA ASN F 52 3.09 36.95 13.48
C ASN F 52 3.19 36.65 14.97
N LEU F 53 3.33 35.36 15.30
CA LEU F 53 3.35 34.99 16.71
C LEU F 53 4.70 35.32 17.34
N LYS F 54 5.76 35.37 16.56
CA LYS F 54 7.01 35.89 17.14
C LYS F 54 6.89 37.37 17.52
N ALA F 55 6.06 38.11 16.78
CA ALA F 55 5.89 39.53 17.08
C ALA F 55 4.85 39.74 18.20
N ASN F 56 3.83 38.91 18.21
CA ASN F 56 2.78 38.94 19.22
C ASN F 56 2.38 37.56 19.58
N PRO F 57 2.89 37.10 20.72
CA PRO F 57 2.76 35.68 21.06
C PRO F 57 1.36 35.32 21.52
N LYS F 58 0.50 36.28 21.78
CA LYS F 58 -0.86 35.94 22.18
C LYS F 58 -1.62 35.39 20.98
N VAL F 59 -2.05 34.15 21.10
CA VAL F 59 -2.76 33.48 19.98
C VAL F 59 -4.05 32.88 20.47
N GLN F 60 -4.90 32.50 19.54
CA GLN F 60 -6.04 31.72 19.88
C GLN F 60 -5.97 30.46 19.04
N VAL F 61 -6.34 29.33 19.64
CA VAL F 61 -6.34 28.08 18.91
C VAL F 61 -7.73 27.49 19.06
N GLN F 62 -8.34 27.11 17.95
CA GLN F 62 -9.63 26.44 18.03
C GLN F 62 -9.43 25.00 17.59
N ILE F 63 -9.89 24.08 18.42
CA ILE F 63 -9.87 22.69 18.08
C ILE F 63 -11.29 22.16 18.30
N LYS F 64 -11.95 21.75 17.24
CA LYS F 64 -13.39 21.52 17.27
C LYS F 64 -14.09 22.69 17.91
N LYS F 65 -14.80 22.47 19.01
CA LYS F 65 -15.57 23.55 19.61
C LYS F 65 -14.80 24.32 20.71
N GLU F 66 -13.65 23.80 21.11
CA GLU F 66 -12.82 24.45 22.13
C GLU F 66 -12.10 25.65 21.52
N VAL F 67 -12.12 26.79 22.18
CA VAL F 67 -11.37 27.93 21.69
C VAL F 67 -10.42 28.38 22.79
N LEU F 68 -9.13 28.17 22.59
CA LEU F 68 -8.15 28.35 23.66
C LEU F 68 -7.42 29.67 23.48
N ASP F 69 -7.28 30.45 24.55
CA ASP F 69 -6.41 31.64 24.54
C ASP F 69 -5.05 31.23 25.08
N LEU F 70 -4.03 31.29 24.25
CA LEU F 70 -2.74 30.71 24.61
C LEU F 70 -1.62 31.68 24.26
N THR F 71 -0.41 31.38 24.72
CA THR F 71 0.75 32.20 24.41
C THR F 71 1.77 31.31 23.75
N ALA F 72 2.25 31.72 22.57
CA ALA F 72 3.01 30.84 21.71
C ALA F 72 4.47 31.13 21.83
N ARG F 73 5.31 30.09 21.84
CA ARG F 73 6.75 30.31 21.84
C ARG F 73 7.46 29.14 21.19
N ASP F 74 8.72 29.33 20.84
CA ASP F 74 9.54 28.28 20.24
C ASP F 74 9.73 27.17 21.28
N ALA F 75 9.73 25.92 20.82
CA ALA F 75 10.04 24.79 21.70
C ALA F 75 11.51 24.89 22.12
N THR F 76 11.82 24.50 23.36
CA THR F 76 13.21 24.40 23.77
C THR F 76 13.80 23.14 23.15
N ASP F 77 15.12 22.97 23.22
CA ASP F 77 15.74 21.74 22.73
C ASP F 77 15.12 20.47 23.30
N GLU F 78 14.85 20.49 24.60
CA GLU F 78 14.25 19.32 25.22
C GLU F 78 12.84 19.09 24.70
N GLU F 79 12.09 20.17 24.47
CA GLU F 79 10.74 20.00 23.95
C GLU F 79 10.78 19.51 22.52
N ARG F 80 11.72 20.00 21.72
CA ARG F 80 11.79 19.50 20.34
C ARG F 80 12.07 18.00 20.40
N ALA F 81 12.98 17.60 21.28
CA ALA F 81 13.36 16.20 21.38
C ALA F 81 12.17 15.32 21.76
N GLU F 82 11.24 15.89 22.52
CA GLU F 82 10.04 15.17 22.92
C GLU F 82 8.94 15.19 21.83
N TYR F 83 8.71 16.33 21.21
CA TYR F 83 7.55 16.48 20.35
C TYR F 83 7.81 16.12 18.88
N TRP F 84 8.99 16.43 18.40
CA TRP F 84 9.28 16.18 16.98
C TRP F 84 8.97 14.72 16.62
N PRO F 85 9.51 13.75 17.38
CA PRO F 85 9.17 12.36 17.02
C PRO F 85 7.66 12.08 17.00
N GLN F 86 6.89 12.70 17.87
CA GLN F 86 5.45 12.50 17.83
C GLN F 86 4.79 13.15 16.62
N LEU F 87 5.25 14.35 16.26
CA LEU F 87 4.74 15.00 15.06
C LEU F 87 5.09 14.12 13.85
N VAL F 88 6.32 13.65 13.79
CA VAL F 88 6.76 12.86 12.63
C VAL F 88 5.98 11.54 12.57
N THR F 89 5.75 10.93 13.73
CA THR F 89 4.88 9.74 13.75
C THR F 89 3.51 10.02 13.17
N MET F 90 2.92 11.15 13.50
CA MET F 90 1.57 11.43 13.04
C MET F 90 1.53 11.84 11.57
N TYR F 91 2.60 12.51 11.10
CA TYR F 91 2.63 13.04 9.74
C TYR F 91 4.07 12.96 9.27
N PRO F 92 4.43 11.82 8.66
CA PRO F 92 5.82 11.55 8.34
C PRO F 92 6.44 12.55 7.38
N SER F 93 5.63 13.22 6.56
CA SER F 93 6.16 14.24 5.68
C SER F 93 6.92 15.34 6.43
N TYR F 94 6.64 15.55 7.72
CA TYR F 94 7.37 16.60 8.41
C TYR F 94 8.86 16.33 8.31
N GLN F 95 9.23 15.04 8.34
CA GLN F 95 10.66 14.73 8.32
C GLN F 95 11.27 15.07 6.96
N ASP F 96 10.53 14.81 5.90
CA ASP F 96 10.99 15.20 4.56
C ASP F 96 11.13 16.70 4.47
N TYR F 97 10.08 17.42 4.88
CA TYR F 97 10.17 18.87 4.90
C TYR F 97 11.39 19.39 5.67
N GLN F 98 11.68 18.78 6.80
CA GLN F 98 12.83 19.21 7.60
C GLN F 98 14.11 18.95 6.77
N SER F 99 14.18 17.79 6.14
CA SER F 99 15.29 17.43 5.27
C SER F 99 15.53 18.41 4.13
N TRP F 100 14.49 18.78 3.42
CA TRP F 100 14.61 19.67 2.27
C TRP F 100 14.81 21.15 2.59
N THR F 101 14.62 21.55 3.85
CA THR F 101 14.73 22.96 4.22
C THR F 101 16.04 23.23 4.92
N ASP F 102 16.66 24.34 4.59
CA ASP F 102 17.84 24.73 5.34
C ASP F 102 17.40 25.19 6.71
N ARG F 103 16.40 26.04 6.79
CA ARG F 103 15.95 26.46 8.12
C ARG F 103 15.53 25.27 8.99
N THR F 104 15.74 25.37 10.29
CA THR F 104 15.20 24.37 11.18
C THR F 104 13.70 24.66 11.27
N ILE F 105 12.84 23.70 10.95
CA ILE F 105 11.39 23.96 11.06
C ILE F 105 10.98 24.24 12.51
N PRO F 106 10.38 25.43 12.77
CA PRO F 106 10.04 25.72 14.16
C PRO F 106 9.01 24.78 14.69
N ILE F 107 9.14 24.47 15.97
CA ILE F 107 8.08 23.80 16.70
C ILE F 107 7.58 24.79 17.72
N VAL F 108 6.29 25.05 17.69
CA VAL F 108 5.73 26.15 18.44
C VAL F 108 4.88 25.58 19.56
N VAL F 109 5.12 26.01 20.77
CA VAL F 109 4.37 25.46 21.90
C VAL F 109 3.41 26.52 22.32
N CYS F 110 2.11 26.24 22.28
CA CYS F 110 1.12 27.22 22.71
C CYS F 110 0.66 26.82 24.11
N GLU F 111 0.84 27.70 25.07
CA GLU F 111 0.50 27.34 26.44
C GLU F 111 -0.39 28.35 27.11
N PRO F 112 -1.19 27.90 28.08
CA PRO F 112 -2.12 28.80 28.76
C PRO F 112 -1.38 29.82 29.63
N LYS G 4 -12.64 -7.47 10.20
CA LYS G 4 -11.18 -7.33 10.14
C LYS G 4 -10.57 -7.11 11.53
N ILE G 5 -11.00 -6.13 12.32
CA ILE G 5 -10.75 -6.16 13.77
C ILE G 5 -12.06 -6.53 14.48
N PRO G 6 -12.06 -7.63 15.27
CA PRO G 6 -13.33 -7.97 15.93
C PRO G 6 -13.68 -7.00 17.07
N VAL G 7 -14.96 -6.85 17.37
CA VAL G 7 -15.37 -5.98 18.49
C VAL G 7 -15.87 -6.83 19.63
N ALA G 8 -15.74 -6.29 20.84
CA ALA G 8 -16.38 -6.80 22.02
C ALA G 8 -17.55 -5.90 22.29
N LEU G 9 -18.64 -6.42 22.86
CA LEU G 9 -19.73 -5.53 23.23
C LEU G 9 -19.66 -5.36 24.74
N LEU G 10 -19.43 -4.13 25.18
CA LEU G 10 -19.37 -3.82 26.60
C LEU G 10 -20.72 -3.26 27.06
N THR G 11 -21.32 -3.91 28.04
CA THR G 11 -22.51 -3.39 28.69
C THR G 11 -22.12 -2.69 30.01
N THR G 12 -22.52 -1.43 30.16
CA THR G 12 -22.32 -0.73 31.44
C THR G 12 -23.66 -0.33 31.99
N THR G 13 -23.73 -0.05 33.30
CA THR G 13 -24.93 0.55 33.89
C THR G 13 -24.89 2.06 33.69
N GLY G 14 -25.94 2.61 33.08
CA GLY G 14 -26.04 4.07 32.93
C GLY G 14 -25.95 4.75 34.28
N ARG G 15 -25.08 5.75 34.44
CA ARG G 15 -24.82 6.23 35.80
C ARG G 15 -25.90 7.20 36.29
N LYS G 16 -26.74 7.65 35.38
CA LYS G 16 -27.89 8.50 35.71
C LYS G 16 -29.23 7.75 35.62
N THR G 17 -29.37 6.90 34.62
CA THR G 17 -30.64 6.23 34.37
C THR G 17 -30.68 4.85 35.03
N GLY G 18 -29.51 4.25 35.25
CA GLY G 18 -29.48 2.90 35.75
C GLY G 18 -29.77 1.86 34.67
N GLN G 19 -29.99 2.30 33.44
CA GLN G 19 -30.31 1.39 32.35
C GLN G 19 -29.04 0.74 31.79
N PRO G 20 -29.14 -0.50 31.27
CA PRO G 20 -28.01 -1.11 30.55
C PRO G 20 -27.66 -0.34 29.29
N ARG G 21 -26.36 -0.17 29.03
CA ARG G 21 -25.87 0.58 27.88
C ARG G 21 -24.83 -0.30 27.20
N VAL G 22 -25.01 -0.58 25.91
CA VAL G 22 -24.06 -1.46 25.21
C VAL G 22 -23.27 -0.67 24.14
N ASN G 23 -21.96 -0.90 24.04
CA ASN G 23 -21.13 -0.22 23.06
C ASN G 23 -20.11 -1.18 22.51
N PRO G 24 -19.88 -1.13 21.19
CA PRO G 24 -18.82 -1.99 20.64
C PRO G 24 -17.44 -1.33 20.82
N LEU G 25 -16.44 -2.14 21.14
CA LEU G 25 -15.08 -1.65 21.32
C LEU G 25 -14.11 -2.69 20.78
N TYR G 26 -12.94 -2.23 20.34
CA TYR G 26 -11.84 -3.16 20.05
C TYR G 26 -11.27 -3.60 21.39
N PHE G 27 -10.51 -4.70 21.40
CA PHE G 27 -10.08 -5.24 22.69
C PHE G 27 -8.84 -6.09 22.55
N LEU G 28 -8.16 -6.29 23.68
CA LEU G 28 -7.10 -7.31 23.88
C LEU G 28 -7.60 -8.23 24.94
N ARG G 29 -7.15 -9.48 24.96
CA ARG G 29 -7.55 -10.37 26.03
C ARG G 29 -6.25 -10.88 26.62
N ASP G 30 -6.15 -10.93 27.96
CA ASP G 30 -4.90 -11.38 28.56
C ASP G 30 -5.20 -11.96 29.92
N GLY G 31 -4.98 -13.26 30.09
CA GLY G 31 -5.09 -13.87 31.41
C GLY G 31 -6.43 -13.65 32.11
N GLY G 32 -7.51 -13.76 31.34
CA GLY G 32 -8.83 -13.65 31.89
C GLY G 32 -9.32 -12.22 31.86
N ARG G 33 -8.44 -11.29 31.54
CA ARG G 33 -8.82 -9.87 31.49
C ARG G 33 -9.21 -9.51 30.07
N VAL G 34 -10.11 -8.54 29.95
CA VAL G 34 -10.38 -7.88 28.67
C VAL G 34 -9.94 -6.43 28.81
N ILE G 35 -9.13 -5.97 27.85
CA ILE G 35 -8.57 -4.62 27.90
CA ILE G 35 -8.55 -4.63 27.88
C ILE G 35 -9.16 -3.83 26.76
N VAL G 36 -9.69 -2.64 27.08
CA VAL G 36 -10.23 -1.79 26.03
C VAL G 36 -9.68 -0.37 26.24
N ALA G 37 -9.80 0.48 25.24
CA ALA G 37 -9.31 1.86 25.34
C ALA G 37 -10.47 2.84 25.09
N ALA G 38 -10.63 3.83 25.97
CA ALA G 38 -11.76 4.75 25.86
C ALA G 38 -11.37 5.92 24.94
N SER G 39 -11.09 5.62 23.67
CA SER G 39 -10.57 6.59 22.73
C SER G 39 -11.66 7.51 22.14
N LYS G 40 -12.84 6.95 21.93
CA LYS G 40 -13.97 7.70 21.35
C LYS G 40 -13.50 8.49 20.12
N GLY G 41 -12.79 7.83 19.23
CA GLY G 41 -12.34 8.47 18.02
C GLY G 41 -11.46 9.69 18.20
N GLY G 42 -10.78 9.83 19.33
CA GLY G 42 -9.96 11.02 19.54
C GLY G 42 -10.74 12.25 19.99
N ALA G 43 -11.94 12.07 20.50
CA ALA G 43 -12.75 13.20 21.01
C ALA G 43 -12.16 13.79 22.27
N GLU G 44 -12.46 15.04 22.62
CA GLU G 44 -11.79 15.59 23.80
C GLU G 44 -12.35 15.06 25.12
N LYS G 45 -13.62 14.66 25.14
CA LYS G 45 -14.15 14.14 26.41
C LYS G 45 -14.11 12.62 26.45
N ASN G 46 -14.01 12.04 27.63
CA ASN G 46 -14.12 10.58 27.74
C ASN G 46 -15.52 10.11 27.36
N PRO G 47 -15.63 8.92 26.76
CA PRO G 47 -16.97 8.39 26.45
C PRO G 47 -17.80 8.15 27.70
N MET G 48 -19.12 8.18 27.51
CA MET G 48 -20.06 7.94 28.58
C MET G 48 -19.94 6.54 29.18
N TRP G 49 -19.62 5.51 28.38
CA TRP G 49 -19.50 4.19 28.94
C TRP G 49 -18.36 4.16 29.94
N TYR G 50 -17.33 4.96 29.71
CA TYR G 50 -16.21 5.08 30.65
C TYR G 50 -16.71 5.71 31.95
N LEU G 51 -17.40 6.84 31.85
CA LEU G 51 -17.99 7.44 33.05
C LEU G 51 -18.85 6.44 33.78
N ASN G 52 -19.62 5.64 33.03
CA ASN G 52 -20.52 4.68 33.65
C ASN G 52 -19.75 3.65 34.47
N LEU G 53 -18.62 3.17 33.92
CA LEU G 53 -17.92 2.11 34.63
C LEU G 53 -17.11 2.65 35.79
N LYS G 54 -16.82 3.95 35.76
CA LYS G 54 -16.12 4.55 36.89
C LYS G 54 -17.12 4.67 38.04
N ALA G 55 -18.40 4.88 37.70
CA ALA G 55 -19.49 4.90 38.71
C ALA G 55 -19.91 3.53 39.22
N ASN G 56 -19.99 2.55 38.32
CA ASN G 56 -20.28 1.19 38.73
C ASN G 56 -19.38 0.25 37.96
N PRO G 57 -18.34 -0.29 38.61
CA PRO G 57 -17.35 -1.02 37.81
C PRO G 57 -17.82 -2.42 37.38
N LYS G 58 -19.00 -2.89 37.79
CA LYS G 58 -19.48 -4.17 37.26
C LYS G 58 -19.94 -4.04 35.79
N VAL G 59 -19.33 -4.82 34.92
CA VAL G 59 -19.65 -4.70 33.50
C VAL G 59 -19.86 -6.09 32.94
N GLN G 60 -20.39 -6.15 31.73
CA GLN G 60 -20.50 -7.41 31.06
C GLN G 60 -19.84 -7.21 29.71
N VAL G 61 -19.03 -8.18 29.29
CA VAL G 61 -18.40 -8.08 28.00
C VAL G 61 -18.78 -9.30 27.19
N GLN G 62 -19.26 -9.07 25.97
CA GLN G 62 -19.61 -10.19 25.10
C GLN G 62 -18.65 -10.20 23.94
N ILE G 63 -17.98 -11.33 23.79
CA ILE G 63 -17.07 -11.56 22.69
C ILE G 63 -17.52 -12.83 21.99
N LYS G 64 -17.94 -12.69 20.75
CA LYS G 64 -18.62 -13.78 20.06
C LYS G 64 -19.73 -14.33 20.95
N LYS G 65 -19.66 -15.60 21.32
CA LYS G 65 -20.69 -16.18 22.18
C LYS G 65 -20.38 -16.10 23.66
N GLU G 66 -19.13 -15.79 24.03
CA GLU G 66 -18.82 -15.67 25.46
C GLU G 66 -19.47 -14.44 26.04
N VAL G 67 -20.13 -14.58 27.18
CA VAL G 67 -20.58 -13.42 27.94
C VAL G 67 -19.85 -13.44 29.28
N LEU G 68 -19.06 -12.40 29.54
CA LEU G 68 -18.21 -12.36 30.72
C LEU G 68 -18.72 -11.30 31.69
N ASP G 69 -18.82 -11.66 32.98
CA ASP G 69 -19.16 -10.68 34.00
C ASP G 69 -17.85 -10.25 34.62
N LEU G 70 -17.50 -8.98 34.49
CA LEU G 70 -16.16 -8.55 34.87
C LEU G 70 -16.22 -7.29 35.72
N THR G 71 -15.08 -6.92 36.28
CA THR G 71 -14.99 -5.68 37.08
C THR G 71 -13.94 -4.81 36.44
N ALA G 72 -14.36 -3.61 36.06
CA ALA G 72 -13.51 -2.70 35.29
C ALA G 72 -12.77 -1.72 36.15
N ARG G 73 -11.50 -1.47 35.81
CA ARG G 73 -10.67 -0.53 36.53
C ARG G 73 -9.69 0.11 35.57
N ASP G 74 -9.13 1.25 35.95
CA ASP G 74 -8.12 1.91 35.14
C ASP G 74 -6.86 1.04 35.17
N ALA G 75 -6.13 1.04 34.07
CA ALA G 75 -4.86 0.29 34.02
C ALA G 75 -3.84 1.03 34.85
N THR G 76 -2.97 0.29 35.53
CA THR G 76 -1.83 0.92 36.20
C THR G 76 -0.80 1.36 35.17
N ASP G 77 0.15 2.21 35.53
CA ASP G 77 1.23 2.56 34.60
C ASP G 77 1.96 1.33 34.01
N GLU G 78 2.24 0.36 34.85
CA GLU G 78 2.89 -0.85 34.37
C GLU G 78 2.01 -1.53 33.32
N GLU G 79 0.71 -1.60 33.58
CA GLU G 79 -0.21 -2.20 32.62
C GLU G 79 -0.31 -1.38 31.34
N ARG G 80 -0.33 -0.06 31.48
CA ARG G 80 -0.38 0.80 30.28
C ARG G 80 0.83 0.50 29.43
N ALA G 81 1.99 0.39 30.06
CA ALA G 81 3.21 0.18 29.29
C ALA G 81 3.23 -1.16 28.56
N GLU G 82 2.51 -2.15 29.08
CA GLU G 82 2.39 -3.43 28.40
C GLU G 82 1.27 -3.42 27.36
N TYR G 83 0.12 -2.86 27.71
CA TYR G 83 -1.02 -3.00 26.80
C TYR G 83 -1.11 -1.95 25.69
N TRP G 84 -0.65 -0.75 25.96
CA TRP G 84 -0.80 0.29 24.96
C TRP G 84 -0.07 -0.09 23.66
N PRO G 85 1.19 -0.58 23.73
CA PRO G 85 1.83 -0.90 22.46
C PRO G 85 1.09 -1.97 21.69
N GLN G 86 0.50 -2.93 22.40
CA GLN G 86 -0.28 -3.98 21.74
C GLN G 86 -1.53 -3.43 21.08
N LEU G 87 -2.22 -2.51 21.77
CA LEU G 87 -3.38 -1.84 21.17
C LEU G 87 -2.95 -1.05 19.94
N VAL G 88 -1.85 -0.33 20.05
CA VAL G 88 -1.42 0.52 18.95
C VAL G 88 -0.99 -0.37 17.75
N THR G 89 -0.33 -1.49 18.03
CA THR G 89 0.02 -2.42 16.96
C THR G 89 -1.23 -2.91 16.22
N MET G 90 -2.26 -3.23 16.98
CA MET G 90 -3.48 -3.76 16.42
C MET G 90 -4.28 -2.70 15.68
N TYR G 91 -4.20 -1.45 16.15
CA TYR G 91 -5.00 -0.34 15.61
C TYR G 91 -4.19 0.96 15.79
N PRO G 92 -3.34 1.25 14.83
CA PRO G 92 -2.41 2.38 14.96
C PRO G 92 -3.07 3.71 15.19
N SER G 93 -4.31 3.86 14.75
CA SER G 93 -5.04 5.10 15.01
C SER G 93 -5.10 5.47 16.50
N TYR G 94 -5.01 4.47 17.38
CA TYR G 94 -5.01 4.80 18.79
C TYR G 94 -3.89 5.79 19.13
N GLN G 95 -2.73 5.62 18.53
CA GLN G 95 -1.64 6.53 18.87
C GLN G 95 -1.93 7.96 18.38
N ASP G 96 -2.50 8.08 17.19
CA ASP G 96 -2.94 9.41 16.72
C ASP G 96 -3.95 10.03 17.65
N TYR G 97 -4.98 9.26 18.01
CA TYR G 97 -5.98 9.73 18.95
C TYR G 97 -5.33 10.23 20.23
N GLN G 98 -4.33 9.51 20.70
CA GLN G 98 -3.70 9.94 21.94
C GLN G 98 -2.97 11.27 21.71
N SER G 99 -2.29 11.40 20.58
CA SER G 99 -1.56 12.64 20.31
C SER G 99 -2.51 13.84 20.21
N TRP G 100 -3.61 13.66 19.49
CA TRP G 100 -4.58 14.77 19.25
C TRP G 100 -5.45 15.15 20.45
N THR G 101 -5.51 14.30 21.47
CA THR G 101 -6.32 14.61 22.63
C THR G 101 -5.45 15.14 23.78
N ASP G 102 -5.99 16.08 24.53
CA ASP G 102 -5.29 16.55 25.69
C ASP G 102 -5.41 15.51 26.84
N ARG G 103 -6.61 15.01 27.06
CA ARG G 103 -6.78 13.95 28.07
C ARG G 103 -5.90 12.74 27.73
N THR G 104 -5.51 12.00 28.76
CA THR G 104 -4.82 10.73 28.50
C THR G 104 -5.93 9.73 28.25
N ILE G 105 -5.90 9.10 27.09
CA ILE G 105 -6.93 8.10 26.76
C ILE G 105 -6.90 6.95 27.78
N PRO G 106 -8.03 6.68 28.45
CA PRO G 106 -8.04 5.62 29.46
C PRO G 106 -7.83 4.27 28.83
N ILE G 107 -7.13 3.40 29.54
CA ILE G 107 -7.07 2.01 29.18
C ILE G 107 -7.78 1.32 30.34
N VAL G 108 -8.77 0.48 30.02
CA VAL G 108 -9.62 -0.06 31.05
C VAL G 108 -9.37 -1.56 31.07
N VAL G 109 -9.08 -2.08 32.24
CA VAL G 109 -8.85 -3.51 32.46
C VAL G 109 -10.09 -4.10 33.12
N CYS G 110 -10.73 -5.05 32.44
CA CYS G 110 -11.94 -5.67 32.95
C CYS G 110 -11.51 -7.03 33.42
N GLU G 111 -11.59 -7.28 34.72
CA GLU G 111 -11.16 -8.56 35.24
C GLU G 111 -12.26 -9.32 35.96
N PRO G 112 -12.12 -10.65 36.01
CA PRO G 112 -13.13 -11.54 36.63
C PRO G 112 -13.52 -11.15 38.06
N LYS H 4 12.19 -3.72 -12.02
CA LYS H 4 12.19 -3.11 -10.68
C LYS H 4 13.45 -3.52 -9.94
N ILE H 5 13.79 -4.82 -9.92
CA ILE H 5 15.09 -5.29 -9.40
C ILE H 5 15.93 -5.87 -10.57
N PRO H 6 17.12 -5.29 -10.85
CA PRO H 6 17.92 -5.77 -11.98
C PRO H 6 18.42 -7.19 -11.73
N VAL H 7 18.61 -7.96 -12.80
CA VAL H 7 19.16 -9.28 -12.66
C VAL H 7 20.55 -9.35 -13.21
N ALA H 8 21.31 -10.29 -12.64
CA ALA H 8 22.58 -10.62 -13.20
C ALA H 8 22.41 -11.93 -13.95
N LEU H 9 23.16 -12.12 -15.02
CA LEU H 9 23.07 -13.41 -15.72
C LEU H 9 24.27 -14.26 -15.35
N LEU H 10 24.00 -15.36 -14.63
CA LEU H 10 25.07 -16.25 -14.16
C LEU H 10 25.22 -17.40 -15.15
N THR H 11 26.44 -17.55 -15.68
CA THR H 11 26.72 -18.71 -16.53
C THR H 11 27.59 -19.70 -15.77
N THR H 12 27.10 -20.95 -15.66
CA THR H 12 27.81 -22.01 -14.99
C THR H 12 28.03 -23.14 -16.00
N THR H 13 29.00 -23.98 -15.72
CA THR H 13 29.23 -25.14 -16.59
C THR H 13 28.40 -26.30 -16.04
N GLY H 14 27.59 -26.91 -16.87
CA GLY H 14 26.81 -28.08 -16.46
C GLY H 14 27.73 -29.13 -15.89
N ARG H 15 27.40 -29.65 -14.71
CA ARG H 15 28.33 -30.57 -14.06
C ARG H 15 28.23 -31.97 -14.64
N LYS H 16 27.19 -32.23 -15.42
CA LYS H 16 27.05 -33.50 -16.13
C LYS H 16 27.37 -33.34 -17.62
N THR H 17 26.78 -32.33 -18.25
CA THR H 17 26.90 -32.16 -19.70
C THR H 17 28.11 -31.38 -20.17
N GLY H 18 28.71 -30.61 -19.27
CA GLY H 18 29.75 -29.66 -19.65
C GLY H 18 29.26 -28.46 -20.44
N GLN H 19 27.96 -28.32 -20.63
CA GLN H 19 27.44 -27.20 -21.42
C GLN H 19 27.25 -25.95 -20.56
N PRO H 20 27.41 -24.74 -21.16
CA PRO H 20 27.10 -23.50 -20.41
C PRO H 20 25.61 -23.47 -20.12
N ARG H 21 25.26 -22.99 -18.93
CA ARG H 21 23.89 -22.87 -18.49
C ARG H 21 23.80 -21.46 -17.96
N VAL H 22 22.81 -20.69 -18.41
CA VAL H 22 22.66 -19.31 -17.96
C VAL H 22 21.37 -19.17 -17.17
N ASN H 23 21.44 -18.46 -16.03
CA ASN H 23 20.26 -18.21 -15.22
C ASN H 23 20.25 -16.79 -14.74
N PRO H 24 19.06 -16.17 -14.73
CA PRO H 24 19.06 -14.82 -14.11
C PRO H 24 18.90 -14.92 -12.59
N LEU H 25 19.57 -14.03 -11.86
CA LEU H 25 19.52 -13.95 -10.40
C LEU H 25 19.53 -12.51 -9.94
N TYR H 26 18.92 -12.22 -8.77
CA TYR H 26 19.14 -10.91 -8.15
C TYR H 26 20.51 -10.92 -7.52
N PHE H 27 21.05 -9.74 -7.20
CA PHE H 27 22.46 -9.69 -6.79
C PHE H 27 22.76 -8.45 -5.97
N LEU H 28 23.85 -8.56 -5.22
CA LEU H 28 24.54 -7.42 -4.58
C LEU H 28 25.94 -7.34 -5.16
N ARG H 29 26.51 -6.16 -5.14
CA ARG H 29 27.90 -5.97 -5.55
C ARG H 29 28.68 -5.34 -4.42
N ASP H 30 29.87 -5.86 -4.15
CA ASP H 30 30.63 -5.32 -3.02
C ASP H 30 32.07 -5.65 -3.25
N GLY H 31 32.95 -4.65 -3.33
CA GLY H 31 34.38 -4.90 -3.37
C GLY H 31 34.87 -5.77 -4.53
N GLY H 32 34.22 -5.61 -5.68
CA GLY H 32 34.48 -6.43 -6.84
C GLY H 32 33.80 -7.79 -6.81
N ARG H 33 33.09 -8.08 -5.72
CA ARG H 33 32.34 -9.33 -5.61
C ARG H 33 30.93 -9.15 -6.12
N VAL H 34 30.38 -10.25 -6.62
CA VAL H 34 28.96 -10.32 -6.92
C VAL H 34 28.38 -11.41 -6.01
N ILE H 35 27.36 -11.05 -5.24
CA ILE H 35 26.74 -11.95 -4.26
C ILE H 35 25.34 -12.31 -4.76
N VAL H 36 25.04 -13.59 -4.79
CA VAL H 36 23.70 -14.07 -5.20
C VAL H 36 23.20 -15.05 -4.17
N ALA H 37 21.90 -15.32 -4.17
CA ALA H 37 21.36 -16.27 -3.20
C ALA H 37 20.67 -17.38 -3.96
N ALA H 38 20.95 -18.63 -3.62
CA ALA H 38 20.39 -19.78 -4.32
C ALA H 38 19.04 -20.17 -3.75
N SER H 39 18.09 -19.25 -3.86
CA SER H 39 16.84 -19.40 -3.17
C SER H 39 15.88 -20.31 -3.93
N LYS H 40 15.90 -20.20 -5.25
CA LYS H 40 15.02 -21.00 -6.11
C LYS H 40 13.56 -20.91 -5.61
N GLY H 41 13.12 -19.70 -5.29
CA GLY H 41 11.73 -19.50 -4.90
C GLY H 41 11.31 -20.27 -3.65
N GLY H 42 12.24 -20.69 -2.83
CA GLY H 42 11.88 -21.42 -1.62
C GLY H 42 11.67 -22.90 -1.88
N ALA H 43 12.20 -23.39 -3.00
CA ALA H 43 12.17 -24.82 -3.30
C ALA H 43 12.91 -25.67 -2.26
N GLU H 44 12.53 -26.93 -2.20
CA GLU H 44 13.19 -27.88 -1.29
C GLU H 44 14.67 -28.00 -1.61
N LYS H 45 15.01 -28.21 -2.87
CA LYS H 45 16.37 -28.56 -3.24
C LYS H 45 17.10 -27.31 -3.74
N ASN H 46 18.42 -27.31 -3.58
CA ASN H 46 19.20 -26.26 -4.22
C ASN H 46 19.07 -26.28 -5.73
N PRO H 47 19.15 -25.11 -6.32
CA PRO H 47 19.10 -24.99 -7.79
C PRO H 47 20.26 -25.67 -8.46
N MET H 48 20.05 -26.10 -9.71
CA MET H 48 21.08 -26.81 -10.44
C MET H 48 22.30 -25.92 -10.66
N TRP H 49 22.08 -24.63 -10.89
CA TRP H 49 23.21 -23.72 -11.11
C TRP H 49 24.11 -23.72 -9.88
N TYR H 50 23.52 -23.95 -8.72
CA TYR H 50 24.33 -23.96 -7.50
C TYR H 50 25.20 -25.21 -7.50
N LEU H 51 24.60 -26.36 -7.76
CA LEU H 51 25.37 -27.60 -7.89
C LEU H 51 26.47 -27.46 -8.95
N ASN H 52 26.17 -26.81 -10.07
CA ASN H 52 27.15 -26.64 -11.10
C ASN H 52 28.37 -25.88 -10.63
N LEU H 53 28.15 -24.76 -9.93
CA LEU H 53 29.29 -23.95 -9.51
C LEU H 53 30.06 -24.59 -8.36
N LYS H 54 29.44 -25.50 -7.61
CA LYS H 54 30.19 -26.20 -6.56
C LYS H 54 31.10 -27.21 -7.24
N ALA H 55 30.65 -27.78 -8.35
CA ALA H 55 31.52 -28.64 -9.20
C ALA H 55 32.59 -27.89 -10.00
N ASN H 56 32.21 -26.74 -10.55
CA ASN H 56 33.13 -25.92 -11.31
C ASN H 56 32.88 -24.47 -10.97
N PRO H 57 33.74 -23.91 -10.12
CA PRO H 57 33.53 -22.62 -9.47
C PRO H 57 33.79 -21.46 -10.44
N LYS H 58 34.40 -21.75 -11.59
CA LYS H 58 34.63 -20.67 -12.55
C LYS H 58 33.31 -20.34 -13.21
N VAL H 59 32.88 -19.10 -13.06
CA VAL H 59 31.60 -18.68 -13.60
C VAL H 59 31.75 -17.41 -14.37
N GLN H 60 30.70 -17.04 -15.09
CA GLN H 60 30.69 -15.77 -15.74
C GLN H 60 29.43 -15.07 -15.27
N VAL H 61 29.56 -13.80 -14.97
CA VAL H 61 28.38 -13.04 -14.55
C VAL H 61 28.26 -11.85 -15.47
N GLN H 62 27.09 -11.67 -16.06
CA GLN H 62 26.91 -10.50 -16.87
C GLN H 62 25.90 -9.61 -16.17
N ILE H 63 26.29 -8.34 -16.07
CA ILE H 63 25.45 -7.33 -15.47
C ILE H 63 25.45 -6.17 -16.44
N LYS H 64 24.32 -5.97 -17.08
CA LYS H 64 24.23 -5.04 -18.19
C LYS H 64 25.27 -5.36 -19.25
N LYS H 65 26.20 -4.44 -19.50
CA LYS H 65 27.19 -4.74 -20.51
C LYS H 65 28.44 -5.39 -19.93
N GLU H 66 28.70 -5.22 -18.63
CA GLU H 66 29.83 -5.87 -17.97
C GLU H 66 29.76 -7.39 -18.04
N VAL H 67 30.84 -8.03 -18.45
CA VAL H 67 30.89 -9.48 -18.40
C VAL H 67 32.11 -9.81 -17.53
N LEU H 68 31.86 -10.46 -16.41
CA LEU H 68 32.90 -10.71 -15.42
C LEU H 68 33.23 -12.20 -15.30
N ASP H 69 34.51 -12.54 -15.35
CA ASP H 69 34.93 -13.91 -15.07
C ASP H 69 35.27 -13.98 -13.59
N LEU H 70 34.43 -14.72 -12.86
CA LEU H 70 34.57 -14.80 -11.41
C LEU H 70 34.70 -16.25 -10.93
N THR H 71 35.07 -16.41 -9.66
CA THR H 71 35.16 -17.71 -9.03
C THR H 71 34.16 -17.73 -7.88
N ALA H 72 33.27 -18.71 -7.87
CA ALA H 72 32.15 -18.74 -6.93
C ALA H 72 32.40 -19.66 -5.75
N ARG H 73 31.95 -19.26 -4.56
CA ARG H 73 32.10 -20.08 -3.35
C ARG H 73 31.00 -19.72 -2.37
N ASP H 74 30.78 -20.58 -1.38
CA ASP H 74 29.82 -20.29 -0.33
C ASP H 74 30.33 -19.11 0.48
N ALA H 75 29.41 -18.27 0.93
CA ALA H 75 29.78 -17.21 1.86
C ALA H 75 30.12 -17.80 3.21
N THR H 76 31.11 -17.18 3.86
CA THR H 76 31.41 -17.55 5.24
C THR H 76 30.30 -17.04 6.17
N ASP H 77 30.29 -17.55 7.39
CA ASP H 77 29.33 -17.12 8.41
C ASP H 77 29.34 -15.61 8.55
N GLU H 78 30.52 -15.03 8.60
CA GLU H 78 30.66 -13.60 8.73
C GLU H 78 30.12 -12.88 7.50
N GLU H 79 30.34 -13.44 6.31
CA GLU H 79 29.80 -12.86 5.09
C GLU H 79 28.27 -12.96 5.03
N ARG H 80 27.71 -14.06 5.51
CA ARG H 80 26.25 -14.22 5.54
C ARG H 80 25.68 -13.14 6.43
N ALA H 81 26.36 -12.89 7.54
CA ALA H 81 25.88 -11.91 8.49
C ALA H 81 25.80 -10.54 7.83
N GLU H 82 26.76 -10.26 6.95
CA GLU H 82 26.82 -8.95 6.33
C GLU H 82 25.86 -8.87 5.15
N TYR H 83 25.85 -9.92 4.33
CA TYR H 83 25.11 -9.85 3.06
C TYR H 83 23.64 -10.21 3.16
N TRP H 84 23.30 -11.14 4.04
CA TRP H 84 21.92 -11.62 4.09
C TRP H 84 20.93 -10.46 4.40
N PRO H 85 21.23 -9.63 5.42
CA PRO H 85 20.31 -8.50 5.66
C PRO H 85 20.19 -7.59 4.46
N GLN H 86 21.28 -7.38 3.73
CA GLN H 86 21.21 -6.54 2.54
C GLN H 86 20.36 -7.14 1.45
N LEU H 87 20.52 -8.43 1.22
CA LEU H 87 19.62 -9.11 0.27
C LEU H 87 18.16 -9.04 0.72
N VAL H 88 17.92 -9.28 2.00
CA VAL H 88 16.55 -9.25 2.50
C VAL H 88 15.93 -7.84 2.37
N THR H 89 16.72 -6.80 2.65
CA THR H 89 16.24 -5.43 2.47
C THR H 89 15.85 -5.17 1.03
N MET H 90 16.69 -5.65 0.13
CA MET H 90 16.46 -5.51 -1.30
C MET H 90 15.26 -6.30 -1.77
N TYR H 91 15.08 -7.52 -1.24
CA TYR H 91 14.04 -8.42 -1.72
C TYR H 91 13.55 -9.24 -0.55
N PRO H 92 12.55 -8.71 0.19
CA PRO H 92 12.13 -9.28 1.47
C PRO H 92 11.64 -10.70 1.38
N SER H 93 11.16 -11.12 0.21
CA SER H 93 10.81 -12.56 0.04
C SER H 93 11.95 -13.54 0.33
N TYR H 94 13.19 -13.13 0.19
CA TYR H 94 14.28 -14.01 0.60
C TYR H 94 14.06 -14.55 2.00
N GLN H 95 13.58 -13.71 2.92
CA GLN H 95 13.42 -14.15 4.30
C GLN H 95 12.32 -15.19 4.38
N ASP H 96 11.20 -14.95 3.70
CA ASP H 96 10.15 -15.96 3.67
C ASP H 96 10.66 -17.27 3.10
N TYR H 97 11.42 -17.20 2.00
CA TYR H 97 11.94 -18.43 1.40
C TYR H 97 12.80 -19.16 2.41
N GLN H 98 13.56 -18.42 3.19
CA GLN H 98 14.49 -19.09 4.09
C GLN H 98 13.66 -19.77 5.19
N SER H 99 12.56 -19.12 5.60
CA SER H 99 11.67 -19.65 6.65
C SER H 99 10.99 -20.93 6.20
N TRP H 100 10.54 -20.94 4.96
CA TRP H 100 9.81 -22.09 4.44
C TRP H 100 10.71 -23.24 3.99
N THR H 101 12.00 -23.01 3.89
CA THR H 101 12.87 -24.10 3.46
C THR H 101 13.62 -24.69 4.64
N ASP H 102 13.80 -26.00 4.59
CA ASP H 102 14.62 -26.61 5.61
C ASP H 102 16.09 -26.30 5.36
N ARG H 103 16.54 -26.53 4.13
CA ARG H 103 17.92 -26.22 3.79
C ARG H 103 18.20 -24.76 4.11
N THR H 104 19.45 -24.45 4.46
CA THR H 104 19.86 -23.08 4.57
C THR H 104 20.09 -22.60 3.16
N ILE H 105 19.41 -21.53 2.77
CA ILE H 105 19.58 -21.00 1.42
C ILE H 105 21.01 -20.53 1.19
N PRO H 106 21.73 -21.13 0.21
CA PRO H 106 23.12 -20.74 0.06
C PRO H 106 23.22 -19.29 -0.38
N ILE H 107 24.28 -18.63 0.05
CA ILE H 107 24.64 -17.31 -0.42
C ILE H 107 25.99 -17.50 -1.08
N VAL H 108 26.09 -17.10 -2.33
CA VAL H 108 27.26 -17.39 -3.14
C VAL H 108 28.02 -16.11 -3.41
N VAL H 109 29.30 -16.12 -3.09
CA VAL H 109 30.15 -14.98 -3.30
C VAL H 109 30.98 -15.28 -4.55
N CYS H 110 30.86 -14.44 -5.57
CA CYS H 110 31.62 -14.65 -6.78
C CYS H 110 32.69 -13.60 -6.80
N GLU H 111 33.95 -14.02 -6.80
CA GLU H 111 35.04 -13.05 -6.70
C GLU H 111 36.06 -13.14 -7.81
N PRO H 112 36.72 -12.01 -8.09
CA PRO H 112 37.58 -11.92 -9.26
C PRO H 112 38.81 -12.83 -9.16
N LYS I 4 0.48 -16.93 -2.18
CA LYS I 4 1.31 -15.97 -1.46
C LYS I 4 2.10 -16.68 -0.37
N ILE I 5 1.44 -17.31 0.61
CA ILE I 5 2.13 -18.06 1.66
C ILE I 5 1.82 -19.55 1.47
N PRO I 6 2.85 -20.40 1.30
CA PRO I 6 2.51 -21.81 1.07
C PRO I 6 2.01 -22.48 2.33
N VAL I 7 1.22 -23.54 2.16
CA VAL I 7 0.69 -24.29 3.31
C VAL I 7 1.29 -25.67 3.39
N ALA I 8 1.39 -26.18 4.60
CA ALA I 8 1.74 -27.58 4.85
C ALA I 8 0.43 -28.29 5.14
N LEU I 9 0.32 -29.56 4.75
CA LEU I 9 -0.85 -30.35 5.15
C LEU I 9 -0.45 -31.21 6.33
N LEU I 10 -1.09 -30.93 7.47
CA LEU I 10 -0.85 -31.69 8.68
C LEU I 10 -1.91 -32.76 8.81
N THR I 11 -1.47 -34.00 8.91
CA THR I 11 -2.37 -35.10 9.18
C THR I 11 -2.20 -35.48 10.62
N THR I 12 -3.31 -35.43 11.36
CA THR I 12 -3.31 -35.93 12.73
C THR I 12 -4.29 -37.09 12.83
N THR I 13 -4.18 -37.87 13.90
CA THR I 13 -5.19 -38.89 14.16
C THR I 13 -6.29 -38.29 15.04
N GLY I 14 -7.54 -38.40 14.59
CA GLY I 14 -8.64 -37.79 15.29
C GLY I 14 -8.85 -38.49 16.61
N ARG I 15 -8.86 -37.73 17.70
CA ARG I 15 -8.89 -38.34 19.02
C ARG I 15 -10.19 -39.10 19.31
N LYS I 16 -11.30 -38.60 18.76
CA LYS I 16 -12.58 -39.27 18.89
C LYS I 16 -12.60 -40.52 18.01
N THR I 17 -12.41 -40.33 16.70
CA THR I 17 -12.69 -41.38 15.72
C THR I 17 -11.49 -42.24 15.36
N GLY I 18 -10.29 -41.79 15.69
CA GLY I 18 -9.06 -42.49 15.31
C GLY I 18 -8.80 -42.39 13.81
N GLN I 19 -9.57 -41.58 13.12
CA GLN I 19 -9.41 -41.47 11.67
C GLN I 19 -8.48 -40.31 11.32
N PRO I 20 -7.74 -40.42 10.21
CA PRO I 20 -6.81 -39.34 9.86
C PRO I 20 -7.59 -38.10 9.52
N ARG I 21 -7.08 -36.97 9.99
CA ARG I 21 -7.68 -35.67 9.74
C ARG I 21 -6.57 -34.80 9.11
N VAL I 22 -6.90 -34.13 8.01
CA VAL I 22 -5.92 -33.25 7.35
C VAL I 22 -6.32 -31.78 7.42
N ASN I 23 -5.37 -30.92 7.78
CA ASN I 23 -5.66 -29.50 7.77
C ASN I 23 -4.50 -28.74 7.16
N PRO I 24 -4.78 -27.70 6.37
CA PRO I 24 -3.70 -26.84 5.88
C PRO I 24 -3.26 -25.80 6.94
N LEU I 25 -1.96 -25.58 7.05
CA LEU I 25 -1.39 -24.65 8.05
C LEU I 25 -0.22 -23.94 7.39
N TYR I 26 0.05 -22.71 7.85
CA TYR I 26 1.27 -22.04 7.42
C TYR I 26 2.34 -22.67 8.28
N PHE I 27 3.59 -22.45 7.93
CA PHE I 27 4.64 -23.17 8.62
C PHE I 27 6.01 -22.54 8.49
N LEU I 28 6.88 -22.95 9.41
CA LEU I 28 8.30 -22.64 9.39
C LEU I 28 9.05 -23.96 9.32
N ARG I 29 10.21 -23.95 8.67
CA ARG I 29 11.02 -25.16 8.71
C ARG I 29 12.37 -24.83 9.33
N ASP I 30 12.84 -25.69 10.24
CA ASP I 30 14.10 -25.42 10.92
C ASP I 30 14.79 -26.72 11.32
N GLY I 31 15.83 -27.09 10.60
CA GLY I 31 16.67 -28.21 11.05
C GLY I 31 15.94 -29.55 11.13
N GLY I 32 15.05 -29.77 10.18
CA GLY I 32 14.28 -30.99 10.12
C GLY I 32 12.96 -30.86 10.86
N ARG I 33 12.78 -29.77 11.62
CA ARG I 33 11.49 -29.53 12.27
C ARG I 33 10.56 -28.76 11.34
N VAL I 34 9.26 -28.94 11.57
CA VAL I 34 8.20 -28.15 10.97
C VAL I 34 7.46 -27.49 12.14
N ILE I 35 7.40 -26.18 12.13
CA ILE I 35 6.79 -25.43 13.21
CA ILE I 35 6.79 -25.43 13.21
C ILE I 35 5.48 -24.84 12.70
N VAL I 36 4.39 -25.00 13.47
CA VAL I 36 3.10 -24.42 13.11
C VAL I 36 2.47 -23.77 14.32
N ALA I 37 1.50 -22.88 14.07
CA ALA I 37 0.84 -22.17 15.16
C ALA I 37 -0.62 -22.53 15.15
N ALA I 38 -1.16 -22.91 16.32
CA ALA I 38 -2.54 -23.33 16.35
C ALA I 38 -3.43 -22.12 16.62
N SER I 39 -3.43 -21.21 15.66
CA SER I 39 -4.07 -19.93 15.84
C SER I 39 -5.56 -19.96 15.59
N LYS I 40 -6.01 -20.81 14.67
CA LYS I 40 -7.42 -20.91 14.32
C LYS I 40 -8.09 -19.53 14.12
N GLY I 41 -7.43 -18.66 13.36
CA GLY I 41 -8.01 -17.38 13.01
C GLY I 41 -8.36 -16.50 14.20
N GLY I 42 -7.75 -16.75 15.34
CA GLY I 42 -8.05 -16.00 16.54
C GLY I 42 -9.21 -16.53 17.37
N ALA I 43 -9.67 -17.75 17.10
CA ALA I 43 -10.75 -18.36 17.87
C ALA I 43 -10.41 -18.50 19.36
N GLU I 44 -11.42 -18.52 20.22
CA GLU I 44 -11.08 -18.67 21.62
C GLU I 44 -10.65 -20.08 21.98
N LYS I 45 -11.10 -21.07 21.22
CA LYS I 45 -10.74 -22.45 21.55
C LYS I 45 -9.56 -22.95 20.67
N ASN I 46 -8.71 -23.83 21.19
CA ASN I 46 -7.67 -24.40 20.34
C ASN I 46 -8.31 -25.26 19.27
N PRO I 47 -7.66 -25.38 18.12
CA PRO I 47 -8.19 -26.22 17.04
C PRO I 47 -8.20 -27.70 17.39
N MET I 48 -9.16 -28.43 16.80
CA MET I 48 -9.24 -29.85 17.04
C MET I 48 -7.93 -30.57 16.65
N TRP I 49 -7.25 -30.11 15.61
CA TRP I 49 -6.01 -30.82 15.20
C TRP I 49 -4.93 -30.71 16.28
N TYR I 50 -4.99 -29.62 17.06
CA TYR I 50 -4.04 -29.42 18.13
C TYR I 50 -4.36 -30.39 19.24
N LEU I 51 -5.64 -30.52 19.54
CA LEU I 51 -6.07 -31.46 20.56
C LEU I 51 -5.70 -32.88 20.16
N ASN I 52 -5.87 -33.18 18.86
CA ASN I 52 -5.55 -34.48 18.30
C ASN I 52 -4.10 -34.82 18.53
N LEU I 53 -3.22 -33.86 18.25
CA LEU I 53 -1.78 -34.15 18.36
C LEU I 53 -1.29 -34.10 19.80
N LYS I 54 -2.04 -33.45 20.68
CA LYS I 54 -1.74 -33.58 22.10
C LYS I 54 -2.09 -34.99 22.59
N ALA I 55 -3.15 -35.59 22.03
CA ALA I 55 -3.56 -36.96 22.36
C ALA I 55 -2.69 -38.05 21.71
N ASN I 56 -2.26 -37.80 20.47
CA ASN I 56 -1.37 -38.72 19.73
C ASN I 56 -0.35 -37.88 18.98
N PRO I 57 0.88 -37.83 19.49
CA PRO I 57 1.90 -36.94 18.93
C PRO I 57 2.33 -37.35 17.52
N LYS I 58 2.02 -38.56 17.07
CA LYS I 58 2.43 -38.98 15.71
C LYS I 58 1.66 -38.25 14.63
N VAL I 59 2.37 -37.49 13.80
CA VAL I 59 1.71 -36.71 12.76
C VAL I 59 2.44 -36.90 11.46
N GLN I 60 1.80 -36.49 10.38
CA GLN I 60 2.45 -36.54 9.08
C GLN I 60 2.31 -35.15 8.52
N VAL I 61 3.39 -34.65 7.94
CA VAL I 61 3.37 -33.30 7.39
C VAL I 61 3.72 -33.37 5.90
N GLN I 62 2.86 -32.87 5.04
CA GLN I 62 3.20 -32.87 3.62
C GLN I 62 3.45 -31.43 3.17
N ILE I 63 4.65 -31.21 2.63
CA ILE I 63 5.04 -29.91 2.08
C ILE I 63 5.44 -30.19 0.65
N LYS I 64 4.68 -29.65 -0.28
CA LYS I 64 4.81 -30.06 -1.68
C LYS I 64 4.82 -31.58 -1.82
N LYS I 65 5.88 -32.12 -2.41
CA LYS I 65 5.96 -33.56 -2.61
C LYS I 65 6.57 -34.28 -1.41
N GLU I 66 7.21 -33.54 -0.51
CA GLU I 66 7.79 -34.16 0.68
C GLU I 66 6.70 -34.61 1.67
N VAL I 67 6.74 -35.86 2.10
CA VAL I 67 5.81 -36.31 3.14
C VAL I 67 6.62 -36.74 4.35
N LEU I 68 6.52 -36.01 5.45
CA LEU I 68 7.39 -36.23 6.60
C LEU I 68 6.65 -36.91 7.73
N ASP I 69 7.23 -37.94 8.33
CA ASP I 69 6.63 -38.59 9.51
C ASP I 69 7.25 -37.98 10.75
N LEU I 70 6.46 -37.25 11.52
CA LEU I 70 7.03 -36.44 12.57
C LEU I 70 6.35 -36.72 13.91
N THR I 71 6.93 -36.18 14.98
CA THR I 71 6.37 -36.28 16.33
C THR I 71 6.15 -34.87 16.84
N ALA I 72 4.90 -34.53 17.12
CA ALA I 72 4.58 -33.18 17.57
C ALA I 72 4.70 -32.98 19.08
N ARG I 73 5.13 -31.77 19.46
CA ARG I 73 5.16 -31.38 20.88
C ARG I 73 5.06 -29.85 20.97
N ASP I 74 4.64 -29.34 22.13
CA ASP I 74 4.63 -27.90 22.34
C ASP I 74 6.05 -27.32 22.31
N ALA I 75 6.19 -26.15 21.72
CA ALA I 75 7.43 -25.38 21.80
C ALA I 75 7.71 -25.00 23.25
N THR I 76 8.96 -25.19 23.67
CA THR I 76 9.43 -24.67 24.94
C THR I 76 9.44 -23.14 24.90
N ASP I 77 9.67 -22.51 26.05
CA ASP I 77 9.72 -21.04 26.11
C ASP I 77 10.84 -20.45 25.25
N GLU I 78 11.98 -21.11 25.25
CA GLU I 78 13.09 -20.68 24.41
C GLU I 78 12.69 -20.76 22.95
N GLU I 79 12.09 -21.90 22.56
CA GLU I 79 11.65 -22.09 21.18
C GLU I 79 10.60 -21.06 20.77
N ARG I 80 9.63 -20.76 21.65
CA ARG I 80 8.62 -19.76 21.31
C ARG I 80 9.31 -18.44 21.03
N ALA I 81 10.27 -18.10 21.89
CA ALA I 81 10.99 -16.86 21.76
C ALA I 81 11.72 -16.80 20.44
N GLU I 82 12.13 -17.95 19.92
CA GLU I 82 12.82 -17.96 18.62
C GLU I 82 11.79 -17.93 17.50
N TYR I 83 10.77 -18.78 17.61
CA TYR I 83 9.88 -19.01 16.46
C TYR I 83 8.75 -18.00 16.29
N TRP I 84 8.22 -17.50 17.41
CA TRP I 84 7.09 -16.58 17.33
C TRP I 84 7.38 -15.36 16.45
N PRO I 85 8.55 -14.72 16.65
CA PRO I 85 8.89 -13.58 15.79
C PRO I 85 9.01 -13.96 14.30
N GLN I 86 9.54 -15.15 13.97
CA GLN I 86 9.61 -15.54 12.56
C GLN I 86 8.23 -15.78 12.02
N LEU I 87 7.36 -16.42 12.81
CA LEU I 87 5.97 -16.65 12.37
C LEU I 87 5.33 -15.28 12.16
N VAL I 88 5.51 -14.38 13.11
CA VAL I 88 4.86 -13.07 12.97
C VAL I 88 5.38 -12.24 11.78
N THR I 89 6.69 -12.30 11.54
CA THR I 89 7.27 -11.72 10.33
C THR I 89 6.63 -12.26 9.07
N MET I 90 6.46 -13.58 9.00
CA MET I 90 5.87 -14.22 7.82
C MET I 90 4.39 -13.83 7.64
N TYR I 91 3.65 -13.78 8.76
CA TYR I 91 2.20 -13.59 8.73
C TYR I 91 1.82 -12.74 9.93
N PRO I 92 1.88 -11.41 9.76
CA PRO I 92 1.63 -10.52 10.91
C PRO I 92 0.31 -10.72 11.61
N SER I 93 -0.70 -11.29 10.94
CA SER I 93 -1.98 -11.48 11.63
C SER I 93 -1.86 -12.38 12.86
N TYR I 94 -0.84 -13.25 12.90
CA TYR I 94 -0.69 -14.11 14.10
C TYR I 94 -0.67 -13.23 15.35
N GLN I 95 -0.10 -12.04 15.24
CA GLN I 95 0.07 -11.23 16.46
C GLN I 95 -1.30 -10.68 16.89
N ASP I 96 -2.13 -10.29 15.91
CA ASP I 96 -3.50 -9.86 16.24
C ASP I 96 -4.26 -11.00 16.83
N TYR I 97 -4.15 -12.19 16.22
CA TYR I 97 -4.85 -13.32 16.78
C TYR I 97 -4.42 -13.59 18.22
N GLN I 98 -3.14 -13.39 18.49
CA GLN I 98 -2.68 -13.64 19.85
C GLN I 98 -3.27 -12.59 20.80
N SER I 99 -3.36 -11.35 20.32
CA SER I 99 -3.95 -10.26 21.13
C SER I 99 -5.41 -10.49 21.46
N TRP I 100 -6.17 -10.92 20.45
CA TRP I 100 -7.60 -11.12 20.60
C TRP I 100 -7.98 -12.36 21.37
N THR I 101 -7.05 -13.31 21.51
CA THR I 101 -7.41 -14.55 22.22
C THR I 101 -6.90 -14.56 23.67
N ASP I 102 -7.68 -15.14 24.57
CA ASP I 102 -7.19 -15.23 25.93
C ASP I 102 -6.15 -16.34 26.02
N ARG I 103 -6.44 -17.48 25.40
CA ARG I 103 -5.48 -18.57 25.40
C ARG I 103 -4.19 -18.11 24.76
N THR I 104 -3.06 -18.63 25.24
CA THR I 104 -1.82 -18.46 24.55
C THR I 104 -1.88 -19.39 23.30
N ILE I 105 -1.67 -18.84 22.12
CA ILE I 105 -1.79 -19.65 20.91
C ILE I 105 -0.64 -20.68 20.91
N PRO I 106 -0.96 -21.97 20.87
CA PRO I 106 0.16 -22.93 20.85
C PRO I 106 1.05 -22.81 19.61
N ILE I 107 2.32 -23.14 19.85
CA ILE I 107 3.31 -23.28 18.79
C ILE I 107 3.76 -24.71 18.88
N VAL I 108 3.61 -25.45 17.77
CA VAL I 108 3.82 -26.89 17.79
C VAL I 108 5.07 -27.19 16.99
N VAL I 109 5.99 -27.90 17.60
CA VAL I 109 7.18 -28.35 16.92
C VAL I 109 7.03 -29.81 16.50
N CYS I 110 7.13 -30.07 15.21
CA CYS I 110 7.05 -31.45 14.74
C CYS I 110 8.45 -31.83 14.35
N GLU I 111 9.01 -32.87 14.95
CA GLU I 111 10.38 -33.25 14.67
C GLU I 111 10.52 -34.72 14.33
N PRO I 112 11.58 -35.06 13.60
CA PRO I 112 11.85 -36.45 13.23
C PRO I 112 11.90 -37.34 14.46
N LYS J 4 6.57 15.15 -5.92
CA LYS J 4 6.52 14.57 -4.57
C LYS J 4 7.87 14.65 -3.83
N ILE J 5 9.01 14.36 -4.47
CA ILE J 5 10.29 14.74 -3.89
C ILE J 5 10.84 15.89 -4.72
N PRO J 6 11.07 17.07 -4.12
CA PRO J 6 11.54 18.19 -4.94
C PRO J 6 12.94 17.97 -5.44
N VAL J 7 13.29 18.59 -6.58
CA VAL J 7 14.68 18.42 -7.05
C VAL J 7 15.41 19.74 -6.95
N ALA J 8 16.73 19.68 -6.88
CA ALA J 8 17.59 20.85 -7.00
C ALA J 8 18.26 20.78 -8.35
N LEU J 9 18.64 21.91 -8.92
CA LEU J 9 19.30 21.85 -10.23
C LEU J 9 20.72 22.17 -9.96
N LEU J 10 21.58 21.18 -10.16
CA LEU J 10 22.99 21.38 -9.93
C LEU J 10 23.62 21.78 -11.27
N THR J 11 24.33 22.89 -11.26
CA THR J 11 25.11 23.24 -12.44
C THR J 11 26.58 23.01 -12.17
N THR J 12 27.21 22.16 -12.98
CA THR J 12 28.66 21.94 -12.90
C THR J 12 29.36 22.43 -14.16
N THR J 13 30.67 22.61 -14.10
CA THR J 13 31.45 23.01 -15.27
C THR J 13 32.10 21.78 -15.89
N GLY J 14 31.84 21.55 -17.19
CA GLY J 14 32.30 20.33 -17.83
C GLY J 14 33.82 20.22 -17.73
N ARG J 15 34.32 19.09 -17.27
CA ARG J 15 35.76 19.00 -16.99
C ARG J 15 36.57 18.97 -18.28
N LYS J 16 35.90 18.64 -19.39
CA LYS J 16 36.54 18.62 -20.70
C LYS J 16 36.17 19.85 -21.51
N THR J 17 34.88 20.16 -21.57
CA THR J 17 34.39 21.20 -22.44
C THR J 17 34.39 22.58 -21.79
N GLY J 18 34.45 22.63 -20.46
CA GLY J 18 34.35 23.90 -19.75
C GLY J 18 32.93 24.48 -19.75
N GLN J 19 31.98 23.73 -20.29
CA GLN J 19 30.63 24.21 -20.50
C GLN J 19 29.75 23.92 -19.30
N PRO J 20 28.77 24.79 -19.00
CA PRO J 20 27.90 24.55 -17.85
C PRO J 20 26.98 23.41 -18.19
N ARG J 21 26.84 22.50 -17.23
CA ARG J 21 25.97 21.35 -17.36
C ARG J 21 25.01 21.39 -16.17
N VAL J 22 23.72 21.27 -16.43
CA VAL J 22 22.71 21.30 -15.38
CA VAL J 22 22.75 21.28 -15.36
C VAL J 22 22.06 19.92 -15.28
N ASN J 23 21.88 19.45 -14.04
CA ASN J 23 21.19 18.19 -13.82
C ASN J 23 20.28 18.31 -12.60
N PRO J 24 19.06 17.74 -12.66
CA PRO J 24 18.20 17.67 -11.47
C PRO J 24 18.65 16.53 -10.52
N LEU J 25 18.63 16.80 -9.22
CA LEU J 25 19.01 15.81 -8.23
C LEU J 25 18.12 16.01 -7.01
N TYR J 26 17.89 14.93 -6.27
CA TYR J 26 17.28 15.06 -4.96
C TYR J 26 18.33 15.58 -4.03
N PHE J 27 17.90 16.11 -2.89
CA PHE J 27 18.86 16.75 -2.01
C PHE J 27 18.40 16.77 -0.56
N LEU J 28 19.37 16.98 0.32
CA LEU J 28 19.14 17.43 1.71
C LEU J 28 19.76 18.80 1.87
N ARG J 29 19.27 19.57 2.86
CA ARG J 29 19.87 20.84 3.16
C ARG J 29 20.23 20.82 4.63
N ASP J 30 21.42 21.30 4.96
CA ASP J 30 21.80 21.25 6.35
C ASP J 30 22.76 22.40 6.63
N GLY J 31 22.29 23.43 7.32
CA GLY J 31 23.21 24.48 7.77
C GLY J 31 24.01 25.20 6.69
N GLY J 32 23.35 25.55 5.61
CA GLY J 32 23.97 26.24 4.50
C GLY J 32 24.41 25.28 3.42
N ARG J 33 24.56 24.00 3.78
CA ARG J 33 24.99 22.97 2.84
C ARG J 33 23.83 22.38 2.05
N VAL J 34 24.16 21.86 0.86
CA VAL J 34 23.24 21.06 0.03
C VAL J 34 24.00 19.77 -0.17
N ILE J 35 23.36 18.68 0.23
CA ILE J 35 23.92 17.35 0.08
CA ILE J 35 23.94 17.36 0.07
C ILE J 35 23.18 16.61 -1.02
N VAL J 36 23.93 16.00 -1.94
CA VAL J 36 23.34 15.17 -3.00
C VAL J 36 24.11 13.86 -3.08
N ALA J 37 23.49 12.88 -3.73
CA ALA J 37 24.10 11.56 -3.91
C ALA J 37 24.24 11.27 -5.42
N ALA J 38 25.43 10.83 -5.82
CA ALA J 38 25.73 10.61 -7.22
C ALA J 38 25.36 9.20 -7.59
N SER J 39 24.08 8.90 -7.49
CA SER J 39 23.61 7.54 -7.61
C SER J 39 23.44 7.10 -9.06
N LYS J 40 23.01 8.03 -9.91
CA LYS J 40 22.73 7.76 -11.31
C LYS J 40 21.94 6.46 -11.47
N GLY J 41 20.87 6.33 -10.68
CA GLY J 41 19.96 5.21 -10.81
C GLY J 41 20.60 3.83 -10.65
N GLY J 42 21.71 3.76 -9.95
CA GLY J 42 22.37 2.49 -9.74
C GLY J 42 23.29 2.03 -10.87
N ALA J 43 23.66 2.93 -11.77
CA ALA J 43 24.57 2.60 -12.88
C ALA J 43 25.96 2.24 -12.38
N GLU J 44 26.74 1.51 -13.17
CA GLU J 44 28.07 1.19 -12.62
C GLU J 44 29.08 2.35 -12.57
N LYS J 45 29.03 3.28 -13.53
CA LYS J 45 29.95 4.43 -13.51
C LYS J 45 29.33 5.63 -12.78
N ASN J 46 30.15 6.42 -12.08
CA ASN J 46 29.68 7.69 -11.51
C ASN J 46 29.17 8.58 -12.62
N PRO J 47 28.15 9.40 -12.33
CA PRO J 47 27.65 10.29 -13.37
C PRO J 47 28.67 11.36 -13.70
N MET J 48 28.50 11.96 -14.85
CA MET J 48 29.49 12.87 -15.37
C MET J 48 29.53 14.13 -14.51
N TRP J 49 28.38 14.56 -13.97
CA TRP J 49 28.42 15.77 -13.14
C TRP J 49 29.31 15.60 -11.92
N TYR J 50 29.35 14.38 -11.41
CA TYR J 50 30.21 14.09 -10.27
C TYR J 50 31.68 14.22 -10.69
N LEU J 51 32.04 13.70 -11.87
CA LEU J 51 33.40 13.89 -12.37
C LEU J 51 33.69 15.37 -12.57
N ASN J 52 32.70 16.12 -13.07
CA ASN J 52 32.90 17.55 -13.33
C ASN J 52 33.25 18.31 -12.04
N LEU J 53 32.50 18.05 -10.98
CA LEU J 53 32.72 18.83 -9.75
C LEU J 53 33.94 18.32 -8.98
N LYS J 54 34.43 17.14 -9.32
CA LYS J 54 35.67 16.67 -8.72
C LYS J 54 36.83 17.43 -9.36
N ALA J 55 36.73 17.71 -10.67
CA ALA J 55 37.71 18.55 -11.36
C ALA J 55 37.51 20.04 -11.06
N ASN J 56 36.25 20.46 -10.96
CA ASN J 56 35.90 21.86 -10.78
C ASN J 56 34.90 22.02 -9.63
N PRO J 57 35.38 22.27 -8.42
CA PRO J 57 34.55 22.31 -7.21
C PRO J 57 33.46 23.37 -7.21
N LYS J 58 33.64 24.48 -7.92
CA LYS J 58 32.67 25.57 -7.91
C LYS J 58 31.40 25.13 -8.62
N VAL J 59 30.29 25.11 -7.89
CA VAL J 59 29.01 24.71 -8.47
C VAL J 59 27.92 25.72 -8.16
N GLN J 60 26.84 25.64 -8.93
CA GLN J 60 25.64 26.37 -8.56
C GLN J 60 24.52 25.38 -8.30
N VAL J 61 23.72 25.67 -7.28
CA VAL J 61 22.58 24.82 -6.99
C VAL J 61 21.36 25.73 -6.94
N GLN J 62 20.34 25.38 -7.72
CA GLN J 62 19.12 26.16 -7.70
C GLN J 62 18.03 25.34 -7.05
N ILE J 63 17.42 25.88 -6.00
CA ILE J 63 16.31 25.22 -5.35
C ILE J 63 15.15 26.23 -5.35
N LYS J 64 14.10 25.95 -6.11
CA LYS J 64 13.05 26.95 -6.29
C LYS J 64 13.65 28.29 -6.72
N LYS J 65 13.50 29.35 -5.92
CA LYS J 65 14.02 30.66 -6.35
C LYS J 65 15.46 30.92 -5.95
N GLU J 66 15.97 30.19 -4.95
CA GLU J 66 17.32 30.41 -4.48
C GLU J 66 18.31 29.89 -5.49
N VAL J 67 19.32 30.69 -5.78
CA VAL J 67 20.45 30.21 -6.57
C VAL J 67 21.67 30.37 -5.68
N LEU J 68 22.33 29.24 -5.40
CA LEU J 68 23.37 29.24 -4.39
C LEU J 68 24.70 28.90 -5.04
N ASP J 69 25.72 29.71 -4.77
CA ASP J 69 27.08 29.41 -5.25
C ASP J 69 27.81 28.64 -4.17
N LEU J 70 28.23 27.41 -4.49
CA LEU J 70 28.78 26.55 -3.47
C LEU J 70 30.05 25.90 -3.97
N THR J 71 30.72 25.21 -3.07
CA THR J 71 31.95 24.49 -3.40
C THR J 71 31.71 23.06 -2.98
N ALA J 72 31.78 22.14 -3.93
CA ALA J 72 31.49 20.74 -3.67
C ALA J 72 32.74 19.96 -3.21
N ARG J 73 32.51 18.95 -2.37
CA ARG J 73 33.55 18.00 -1.95
C ARG J 73 32.90 16.70 -1.54
N ASP J 74 33.69 15.63 -1.42
CA ASP J 74 33.11 14.38 -0.96
C ASP J 74 32.78 14.54 0.52
N ALA J 75 31.72 13.90 0.97
CA ALA J 75 31.41 13.83 2.38
C ALA J 75 32.49 13.01 3.03
N THR J 76 32.88 13.42 4.24
CA THR J 76 33.77 12.60 5.05
C THR J 76 32.97 11.39 5.51
N ASP J 77 33.68 10.41 6.08
CA ASP J 77 33.04 9.21 6.62
C ASP J 77 32.01 9.56 7.67
N GLU J 78 32.35 10.51 8.53
CA GLU J 78 31.44 10.94 9.57
C GLU J 78 30.18 11.54 8.95
N GLU J 79 30.38 12.39 7.94
CA GLU J 79 29.25 13.00 7.25
C GLU J 79 28.40 11.95 6.54
N ARG J 80 29.02 10.95 5.91
CA ARG J 80 28.24 9.90 5.26
C ARG J 80 27.37 9.20 6.29
N ALA J 81 27.98 8.86 7.43
CA ALA J 81 27.24 8.18 8.49
C ALA J 81 26.02 9.00 8.89
N GLU J 82 26.13 10.32 8.81
CA GLU J 82 25.00 11.16 9.19
C GLU J 82 24.00 11.32 8.05
N TYR J 83 24.49 11.59 6.85
CA TYR J 83 23.57 11.96 5.76
C TYR J 83 22.97 10.78 5.02
N TRP J 84 23.71 9.69 4.90
CA TRP J 84 23.21 8.52 4.16
C TRP J 84 21.84 8.05 4.68
N PRO J 85 21.68 7.87 5.99
CA PRO J 85 20.37 7.38 6.45
C PRO J 85 19.26 8.40 6.19
N GLN J 86 19.61 9.68 6.20
CA GLN J 86 18.59 10.70 5.92
C GLN J 86 18.19 10.62 4.46
N LEU J 87 19.18 10.44 3.61
CA LEU J 87 18.91 10.28 2.20
C LEU J 87 18.07 9.05 1.98
N VAL J 88 18.45 7.95 2.61
CA VAL J 88 17.73 6.69 2.40
C VAL J 88 16.28 6.79 2.93
N THR J 89 16.11 7.40 4.09
CA THR J 89 14.78 7.64 4.62
C THR J 89 13.93 8.42 3.64
N MET J 90 14.52 9.43 3.03
CA MET J 90 13.83 10.26 2.06
C MET J 90 13.49 9.48 0.79
N TYR J 91 14.40 8.60 0.36
CA TYR J 91 14.25 7.98 -0.97
C TYR J 91 14.89 6.61 -0.87
N PRO J 92 14.15 5.62 -0.39
CA PRO J 92 14.72 4.33 -0.02
C PRO J 92 15.46 3.63 -1.16
N SER J 93 15.15 3.99 -2.40
CA SER J 93 15.85 3.38 -3.54
C SER J 93 17.34 3.64 -3.53
N TYR J 94 17.79 4.69 -2.85
CA TYR J 94 19.21 4.94 -2.76
C TYR J 94 19.90 3.70 -2.22
N GLN J 95 19.24 2.99 -1.30
CA GLN J 95 19.89 1.85 -0.69
C GLN J 95 20.00 0.68 -1.67
N ASP J 96 18.96 0.49 -2.45
CA ASP J 96 19.00 -0.49 -3.54
C ASP J 96 20.11 -0.15 -4.52
N TYR J 97 20.15 1.10 -4.97
CA TYR J 97 21.21 1.51 -5.87
C TYR J 97 22.60 1.21 -5.29
N GLN J 98 22.79 1.47 -4.01
CA GLN J 98 24.09 1.22 -3.38
C GLN J 98 24.38 -0.27 -3.41
N SER J 99 23.36 -1.09 -3.16
CA SER J 99 23.53 -2.55 -3.14
C SER J 99 23.92 -3.07 -4.53
N TRP J 100 23.21 -2.59 -5.55
CA TRP J 100 23.46 -3.03 -6.92
C TRP J 100 24.73 -2.52 -7.57
N THR J 101 25.35 -1.47 -7.02
CA THR J 101 26.55 -0.94 -7.64
C THR J 101 27.81 -1.40 -6.92
N ASP J 102 28.87 -1.66 -7.68
CA ASP J 102 30.14 -1.98 -7.05
C ASP J 102 30.71 -0.72 -6.40
N ARG J 103 30.79 0.36 -7.14
CA ARG J 103 31.32 1.61 -6.56
C ARG J 103 30.50 2.06 -5.33
N THR J 104 31.13 2.78 -4.42
CA THR J 104 30.38 3.41 -3.34
C THR J 104 29.76 4.66 -3.93
N ILE J 105 28.43 4.79 -3.85
CA ILE J 105 27.77 6.00 -4.38
C ILE J 105 28.29 7.25 -3.64
N PRO J 106 28.87 8.22 -4.38
CA PRO J 106 29.46 9.37 -3.68
C PRO J 106 28.37 10.20 -3.05
N ILE J 107 28.69 10.82 -1.92
CA ILE J 107 27.76 11.78 -1.32
C ILE J 107 28.54 13.07 -1.38
N VAL J 108 27.96 14.06 -2.05
CA VAL J 108 28.65 15.34 -2.32
C VAL J 108 28.07 16.39 -1.38
N VAL J 109 28.92 17.04 -0.60
CA VAL J 109 28.47 18.17 0.22
C VAL J 109 28.80 19.45 -0.49
N CYS J 110 27.81 20.30 -0.74
CA CYS J 110 28.08 21.58 -1.40
C CYS J 110 27.94 22.67 -0.35
N GLU J 111 28.98 23.46 -0.14
CA GLU J 111 28.95 24.44 0.93
C GLU J 111 29.39 25.83 0.47
N PRO J 112 29.01 26.87 1.23
CA PRO J 112 29.36 28.24 0.88
C PRO J 112 30.86 28.53 0.85
N1 F42 K . 14.78 -3.74 -20.96
C2 F42 K . 13.72 -3.59 -21.79
O2 F42 K . 13.85 -2.87 -22.82
N3 F42 K . 12.57 -4.22 -21.53
C4 F42 K . 12.37 -4.99 -20.46
O4 F42 K . 11.30 -5.58 -20.20
C4A F42 K . 13.48 -5.19 -19.51
C5 F42 K . 13.35 -5.95 -18.34
C5A F42 K . 14.52 -6.07 -17.54
C6 F42 K . 14.48 -6.85 -16.38
C7 F42 K . 15.61 -6.97 -15.57
C8 F42 K . 16.78 -6.33 -15.92
O8M F42 K . 17.89 -6.51 -15.16
C9 F42 K . 16.86 -5.56 -17.09
C9A F42 K . 15.69 -5.42 -17.89
N10 F42 K . 15.80 -4.63 -19.04
C10 F42 K . 14.69 -4.50 -19.87
C1' F42 K . 17.02 -3.95 -19.43
C2' F42 K . 17.59 -4.74 -20.62
O2' F42 K . 18.10 -6.04 -20.21
C3' F42 K . 18.68 -4.01 -21.37
O3' F42 K . 19.79 -3.76 -20.48
C4' F42 K . 18.21 -2.69 -21.93
O4' F42 K . 17.01 -2.95 -22.66
C5' F42 K . 19.27 -2.06 -22.84
O5' F42 K . 19.67 -3.06 -23.82
P F42 K . 20.87 -2.74 -24.79
O1P F42 K . 20.92 -3.78 -25.87
O2P F42 K . 20.81 -1.28 -25.36
O3P F42 K . 22.10 -2.98 -23.79
C1I F42 K . 23.34 -2.33 -23.97
C2I F42 K . 23.65 -1.42 -22.78
C3I F42 K . 24.40 -3.40 -24.04
O3I F42 K . 24.23 -4.47 -23.45
N1H F42 K . 25.45 -3.09 -24.77
C1H F42 K . 26.48 -4.09 -25.06
C2H F42 K . 27.87 -3.48 -25.05
O2U F42 K . 28.90 -4.17 -24.54
O2T F42 K . 28.07 -2.35 -25.47
C3H F42 K . 26.17 -4.82 -26.37
C4H F42 K . 25.67 -3.84 -27.43
C5H F42 K . 25.41 -4.57 -28.73
O5H F42 K . 24.43 -5.29 -28.81
N1G F42 K . 26.26 -4.32 -29.73
C1G F42 K . 25.99 -4.51 -31.15
C2G F42 K . 26.97 -5.49 -31.76
O2V F42 K . 27.65 -6.34 -31.00
O2W F42 K . 27.17 -5.55 -32.98
C3G F42 K . 26.07 -3.17 -31.89
C4G F42 K . 24.91 -2.22 -31.57
C5G F42 K . 25.01 -0.94 -32.39
O6G F42 K . 25.79 0.07 -32.02
O7G F42 K . 24.36 -0.82 -33.42
N1 F42 L . -1.34 -24.63 -7.41
C2 F42 L . -2.24 -24.33 -8.39
O2 F42 L . -2.04 -24.82 -9.52
N3 F42 L . -3.30 -23.52 -8.22
C4 F42 L . -3.56 -22.95 -7.05
O4 F42 L . -4.56 -22.22 -6.91
C4A F42 L . -2.63 -23.20 -5.92
C5 F42 L . -2.78 -22.62 -4.63
C5A F42 L . -1.86 -22.98 -3.61
C6 F42 L . -1.99 -22.43 -2.32
C7 F42 L . -1.06 -22.79 -1.35
C8 F42 L . -0.03 -23.66 -1.65
O8M F42 L . 0.84 -24.02 -0.70
C9 F42 L . 0.12 -24.19 -2.93
C9A F42 L . -0.81 -23.84 -3.91
N10 F42 L . -0.63 -24.39 -5.18
C10 F42 L . -1.52 -24.08 -6.20
C1' F42 L . 0.46 -25.32 -5.51
C2' F42 L . -0.19 -26.71 -5.62
O2' F42 L . -0.45 -27.24 -4.29
C3' F42 L . 0.70 -27.71 -6.32
O3' F42 L . 1.91 -27.83 -5.50
C4' F42 L . 1.13 -27.28 -7.71
O4' F42 L . -0.01 -27.02 -8.50
C5' F42 L . 1.92 -28.42 -8.36
O5' F42 L . 1.18 -29.66 -8.24
P F42 L . 1.78 -31.05 -8.80
O1P F42 L . 0.73 -32.08 -8.74
O2P F42 L . 2.53 -30.86 -10.18
O3P F42 L . 2.81 -31.31 -7.58
C1I F42 L . 4.09 -31.89 -7.73
C2I F42 L . 5.11 -31.00 -7.03
C3I F42 L . 4.04 -33.21 -7.01
O3I F42 L . 3.23 -33.34 -6.11
N1H F42 L . 4.90 -34.14 -7.41
C1H F42 L . 4.73 -35.54 -7.06
C2H F42 L . 6.03 -36.29 -6.82
O2U F42 L . 6.16 -37.09 -5.75
O2T F42 L . 6.98 -36.20 -7.59
C3H F42 L . 3.88 -36.23 -8.13
C4H F42 L . 2.69 -36.95 -7.50
C5H F42 L . 1.84 -37.48 -8.63
O5H F42 L . 0.76 -36.96 -8.82
N1G F42 L . 2.32 -38.47 -9.39
C1G F42 L . 1.50 -39.27 -10.28
C2G F42 L . 1.19 -40.62 -9.68
O2V F42 L . 1.33 -40.79 -8.35
O2W F42 L . 0.81 -41.58 -10.37
C3G F42 L . 2.20 -39.48 -11.63
C4G F42 L . 2.34 -38.20 -12.45
C5G F42 L . 2.94 -38.41 -13.83
O6G F42 L . 4.24 -38.68 -13.99
O7G F42 L . 2.25 -38.32 -14.84
N1 F42 M . -16.56 17.97 8.36
C2 F42 M . -17.35 17.79 7.28
O2 F42 M . -18.56 17.69 7.50
N3 F42 M . -16.86 17.72 6.03
C4 F42 M . -15.54 17.80 5.78
O4 F42 M . -15.05 17.73 4.61
C4A F42 M . -14.60 17.95 6.91
C5 F42 M . -13.21 18.01 6.77
C5A F42 M . -12.45 18.22 7.94
C6 F42 M . -11.05 18.32 7.81
C7 F42 M . -10.26 18.54 8.94
C8 F42 M . -10.89 18.65 10.19
O8M F42 M . -10.13 18.88 11.31
C9 F42 M . -12.28 18.56 10.35
C9A F42 M . -13.06 18.34 9.20
N10 F42 M . -14.46 18.25 9.36
C10 F42 M . -15.24 18.03 8.23
C1' F42 M . -15.20 18.33 10.62
C2' F42 M . -15.80 19.76 10.65
O2' F42 M . -14.80 20.78 10.77
C3' F42 M . -16.80 19.90 11.79
O3' F42 M . -16.10 19.70 13.02
C4' F42 M . -17.94 18.92 11.65
O4' F42 M . -18.48 19.03 10.33
C5' F42 M . -19.00 19.23 12.71
O5' F42 M . -19.37 20.61 12.57
P F42 M . -20.36 21.31 13.62
O1P F42 M . -20.79 22.64 13.11
O2P F42 M . -21.52 20.29 13.94
O3P F42 M . -19.32 21.46 14.87
C1I F42 M . -19.76 21.22 16.19
C2I F42 M . -18.90 20.12 16.82
C3I F42 M . -19.60 22.50 16.96
O3I F42 M . -18.74 23.31 16.63
N1H F42 M . -20.43 22.67 18.00
C1H F42 M . -20.69 23.98 18.57
C2H F42 M . -20.79 23.99 20.07
O2U F42 M . -19.74 24.34 20.81
O2T F42 M . -21.84 23.67 20.64
C3H F42 M . -21.97 24.57 17.96
C4H F42 M . -21.59 25.81 17.15
C5H F42 M . -22.80 26.35 16.42
O5H F42 M . -22.70 26.51 15.22
N1G F42 M . -23.90 26.62 17.14
C1G F42 M . -24.96 27.49 16.64
C2G F42 M . -24.91 28.93 17.12
O2V F42 M . -23.75 29.49 17.46
O2W F42 M . -25.93 29.64 17.17
C3G F42 M . -26.31 26.84 16.98
C4G F42 M . -26.48 25.61 16.07
C5G F42 M . -27.71 24.80 16.43
O6G F42 M . -27.88 24.30 17.65
O7G F42 M . -28.57 24.59 15.58
N1 F42 N . -20.81 -11.21 10.60
C2 F42 N . -21.50 -11.10 9.45
O2 F42 N . -22.20 -12.08 9.08
N3 F42 N . -21.53 -9.94 8.74
C4 F42 N . -20.84 -8.84 9.13
O4 F42 N . -20.83 -7.79 8.47
C4A F42 N . -20.03 -8.92 10.35
C5 F42 N . -19.25 -7.86 10.83
C5A F42 N . -18.57 -8.05 12.07
C6 F42 N . -17.79 -7.01 12.59
C7 F42 N . -17.11 -7.16 13.81
C8 F42 N . -17.21 -8.35 14.52
O8M F42 N . -16.55 -8.47 15.70
C9 F42 N . -17.96 -9.41 14.00
C9A F42 N . -18.66 -9.25 12.79
N10 F42 N . -19.40 -10.34 12.27
C10 F42 N . -20.11 -10.17 11.09
C1' F42 N . -19.55 -11.64 12.95
C2' F42 N . -20.93 -11.63 13.58
O2' F42 N . -20.94 -10.75 14.72
C3' F42 N . -21.33 -12.99 14.07
O3' F42 N . -20.37 -13.39 15.05
C4' F42 N . -21.33 -14.00 12.94
O4' F42 N . -22.14 -13.52 11.86
C5' F42 N . -21.88 -15.34 13.45
O5' F42 N . -23.19 -15.11 13.98
P F42 N . -23.97 -16.32 14.75
O1P F42 N . -25.30 -15.81 15.13
O2P F42 N . -23.88 -17.60 13.81
O3P F42 N . -23.02 -16.44 16.04
C1I F42 N . -22.92 -17.65 16.74
C2I F42 N . -21.44 -18.05 16.82
C3I F42 N . -23.51 -17.38 18.11
O3I F42 N . -23.67 -16.22 18.51
N1H F42 N . -23.82 -18.46 18.82
C1H F42 N . -24.78 -18.40 19.92
C2H F42 N . -24.31 -19.24 21.08
O2U F42 N . -24.28 -18.70 22.30
O2T F42 N . -23.95 -20.40 20.92
C3H F42 N . -26.18 -18.78 19.46
C4H F42 N . -27.18 -17.72 19.92
C5H F42 N . -28.52 -17.99 19.28
O5H F42 N . -28.80 -17.43 18.23
N1G F42 N . -29.33 -18.86 19.91
C1G F42 N . -30.70 -19.14 19.48
C2G F42 N . -31.72 -19.09 20.59
O2V F42 N . -31.41 -18.64 21.80
O2W F42 N . -32.88 -19.43 20.39
C3G F42 N . -30.75 -20.49 18.78
C4G F42 N . -29.78 -20.47 17.59
C5G F42 N . -30.17 -21.52 16.56
O6G F42 N . -29.35 -22.54 16.29
O7G F42 N . -31.22 -21.45 15.96
N1 F42 O . 5.40 22.53 -11.09
C2 F42 O . 4.38 22.39 -11.98
O2 F42 O . 3.64 23.39 -12.12
N3 F42 O . 4.16 21.22 -12.64
C4 F42 O . 4.99 20.16 -12.48
O4 F42 O . 4.83 19.09 -13.10
C4A F42 O . 6.08 20.25 -11.50
C5 F42 O . 6.94 19.21 -11.19
C5A F42 O . 7.99 19.43 -10.29
C6 F42 O . 8.87 18.36 -10.04
C7 F42 O . 9.89 18.57 -9.15
C8 F42 O . 10.04 19.80 -8.53
O8M F42 O . 11.07 20.01 -7.67
C9 F42 O . 9.18 20.87 -8.77
C9A F42 O . 8.18 20.66 -9.67
N10 F42 O . 7.29 21.73 -9.92
C10 F42 O . 6.25 21.54 -10.82
C1' F42 O . 7.39 23.07 -9.28
C2' F42 O . 7.97 23.99 -10.38
O2' F42 O . 9.34 23.69 -10.65
C3' F42 O . 7.86 25.47 -10.05
O3' F42 O . 8.55 25.73 -8.83
C4' F42 O . 6.40 25.86 -9.86
O4' F42 O . 5.68 25.50 -11.02
C5' F42 O . 6.26 27.36 -9.67
O5' F42 O . 7.02 27.96 -10.70
P F42 O . 7.21 29.56 -10.73
O1P F42 O . 7.58 29.99 -12.10
O2P F42 O . 5.91 30.25 -10.17
O3P F42 O . 8.41 29.72 -9.65
C1I F42 O . 9.80 29.87 -10.02
C2I F42 O . 10.05 30.21 -11.49
C3I F42 O . 10.43 30.97 -9.22
O3I F42 O . 11.55 30.82 -8.73
N1H F42 O . 9.73 32.10 -9.12
C1H F42 O . 10.38 33.40 -9.20
C2H F42 O . 9.46 34.46 -8.64
O2U F42 O . 9.96 35.42 -7.87
O2T F42 O . 8.26 34.42 -8.90
C3H F42 O . 10.82 33.77 -10.62
C4H F42 O . 9.67 34.44 -11.37
C5H F42 O . 10.06 34.77 -12.79
O5H F42 O . 10.06 33.89 -13.64
N1G F42 O . 10.40 36.04 -13.04
C1G F42 O . 10.01 36.74 -14.25
C2G F42 O . 11.15 37.51 -14.86
O2V F42 O . 12.41 37.23 -14.50
O2W F42 O . 10.94 38.38 -15.69
C3G F42 O . 8.85 37.70 -14.00
C4G F42 O . 7.60 36.91 -13.67
C5G F42 O . 6.41 37.82 -13.60
O6G F42 O . 6.42 38.92 -12.84
O7G F42 O . 5.41 37.55 -14.24
N1 F42 P . 1.22 24.58 7.50
C2 F42 P . 2.14 24.32 8.44
O2 F42 P . 3.10 25.12 8.46
N3 F42 P . 2.05 23.29 9.31
C4 F42 P . 1.04 22.44 9.31
O4 F42 P . 0.88 21.48 10.10
C4A F42 P . -0.03 22.65 8.33
C5 F42 P . -1.14 21.78 8.21
C5A F42 P . -2.11 22.11 7.24
C6 F42 P . -3.26 21.32 7.10
C7 F42 P . -4.24 21.62 6.15
C8 F42 P . -4.03 22.74 5.34
O8M F42 P . -4.97 23.08 4.43
C9 F42 P . -2.90 23.54 5.46
C9A F42 P . -1.93 23.23 6.43
N10 F42 P . -0.83 24.07 6.51
C10 F42 P . 0.16 23.77 7.44
C1' F42 P . -0.57 25.23 5.68
C2' F42 P . -0.88 26.46 6.58
O2' F42 P . -2.28 26.56 6.89
C3' F42 P . -0.41 27.79 5.96
O3' F42 P . -1.06 27.96 4.69
C4' F42 P . 1.11 27.76 5.73
O4' F42 P . 1.79 27.37 6.94
C5' F42 P . 1.58 29.13 5.26
O5' F42 P . 1.11 30.10 6.21
P F42 P . 1.29 31.66 5.94
O1P F42 P . 0.91 32.38 7.21
O2P F42 P . 2.72 31.92 5.33
O3P F42 P . 0.11 31.86 4.87
C1I F42 P . 0.34 32.69 3.75
C2I F42 P . 0.01 31.91 2.47
C3I F42 P . -0.60 33.84 3.90
O3I F42 P . -1.70 33.70 4.45
N1H F42 P . -0.15 34.99 3.41
C1H F42 P . -0.77 36.25 3.69
C2H F42 P . -0.80 37.10 2.46
O2U F42 P . -1.97 37.40 1.89
O2T F42 P . 0.24 37.50 1.97
C3H F42 P . -0.03 36.96 4.81
C4H F42 P . -1.00 37.12 5.96
C5H F42 P . -0.31 37.75 7.15
O5H F42 P . -0.22 37.08 8.17
N1G F42 P . 0.13 39.00 7.03
C1G F42 P . 0.69 39.74 8.15
C2G F42 P . -0.16 40.89 8.60
O2V F42 P . -1.47 40.98 8.32
O2W F42 P . 0.35 41.79 9.25
C3G F42 P . 2.02 40.36 7.74
C4G F42 P . 2.96 39.35 7.08
C5G F42 P . 4.36 39.95 7.01
O6G F42 P . 4.79 40.57 5.91
O7G F42 P . 5.10 39.87 7.97
N1 F42 Q . -14.87 3.54 21.01
C2 F42 Q . -13.79 3.51 21.83
O2 F42 Q . -13.71 4.38 22.73
N3 F42 Q . -12.83 2.61 21.67
C4 F42 Q . -12.85 1.66 20.71
O4 F42 Q . -11.98 0.80 20.59
C4A F42 Q . -13.96 1.64 19.76
C5 F42 Q . -14.12 0.72 18.71
C5A F42 Q . -15.28 0.80 17.91
C6 F42 Q . -15.47 -0.14 16.86
C7 F42 Q . -16.63 -0.06 16.08
C8 F42 Q . -17.60 0.88 16.33
O8M F42 Q . -18.74 0.94 15.58
C9 F42 Q . -17.45 1.81 17.38
C9A F42 Q . -16.27 1.75 18.16
N10 F42 Q . -16.10 2.68 19.20
C10 F42 Q . -14.96 2.65 20.00
C1' F42 Q . -17.09 3.72 19.54
C2' F42 Q . -17.85 3.25 20.76
O2' F42 Q . -18.77 2.20 20.40
C3' F42 Q . -18.66 4.40 21.37
O3' F42 Q . -19.64 4.85 20.41
C4' F42 Q . -17.83 5.62 21.75
O4' F42 Q . -16.72 5.26 22.57
C5' F42 Q . -18.74 6.62 22.49
O5' F42 Q . -19.34 6.00 23.61
P F42 Q . -20.41 6.79 24.49
O1P F42 Q . -20.74 5.97 25.66
O2P F42 Q . -19.77 8.20 24.83
O3P F42 Q . -21.65 7.12 23.47
C1I F42 Q . -22.88 6.42 23.24
C2I F42 Q . -22.85 4.97 23.65
C3I F42 Q . -24.07 6.99 23.97
O3I F42 Q . -25.01 6.25 24.19
N1H F42 Q . -24.06 8.25 24.37
C1H F42 Q . -25.26 8.79 25.01
C2H F42 Q . -25.03 10.25 25.31
O2U F42 Q . -25.62 11.17 24.53
O2T F42 Q . -24.31 10.61 26.24
C3H F42 Q . -25.75 7.97 26.23
C4H F42 Q . -24.65 7.71 27.27
C5H F42 Q . -25.08 6.98 28.53
O5H F42 Q . -24.61 5.86 28.76
N1G F42 Q . -25.91 7.61 29.37
C1G F42 Q . -25.72 7.65 30.82
C2G F42 Q . -26.90 7.08 31.58
O2V F42 Q . -27.93 6.57 30.90
O2W F42 Q . -26.94 7.03 32.81
C3G F42 Q . -25.37 9.07 31.29
C4G F42 Q . -23.89 9.39 31.04
C5G F42 Q . -23.44 10.62 31.78
O6G F42 Q . -23.88 11.84 31.46
O7G F42 Q . -22.63 10.53 32.69
N1 F42 R . 16.66 -17.91 -8.52
C2 F42 R . 17.40 -17.83 -7.37
O2 F42 R . 17.73 -18.91 -6.84
N3 F42 R . 17.74 -16.66 -6.80
C4 F42 R . 17.39 -15.47 -7.31
O4 F42 R . 17.74 -14.37 -6.79
C4A F42 R . 16.56 -15.46 -8.54
C5 F42 R . 16.12 -14.29 -9.17
C5A F42 R . 15.38 -14.44 -10.37
C6 F42 R . 14.90 -13.29 -11.03
C7 F42 R . 14.20 -13.41 -12.23
C8 F42 R . 13.92 -14.67 -12.73
O8M F42 R . 13.22 -14.82 -13.88
C9 F42 R . 14.38 -15.83 -12.10
C9A F42 R . 15.09 -15.71 -10.89
N10 F42 R . 15.50 -16.90 -10.26
C10 F42 R . 16.24 -16.79 -9.09
C1' F42 R . 15.29 -18.28 -10.72
C2' F42 R . 16.59 -18.78 -11.42
O2' F42 R . 16.88 -18.04 -12.64
C3' F42 R . 16.54 -20.26 -11.71
O3' F42 R . 15.48 -20.52 -12.63
C4' F42 R . 16.25 -21.04 -10.45
O4' F42 R . 17.20 -20.71 -9.45
C5' F42 R . 16.38 -22.52 -10.73
O5' F42 R . 17.70 -22.72 -11.28
P F42 R . 18.10 -24.19 -11.85
O1P F42 R . 19.54 -24.15 -12.19
O2P F42 R . 17.67 -25.30 -10.83
O3P F42 R . 17.17 -24.31 -13.18
C1I F42 R . 17.67 -24.13 -14.52
C2I F42 R . 19.20 -23.97 -14.66
C3I F42 R . 17.22 -25.27 -15.38
O3I F42 R . 16.94 -25.08 -16.56
N1H F42 R . 17.18 -26.49 -14.85
C1H F42 R . 17.61 -27.64 -15.61
C2H F42 R . 16.69 -28.80 -15.40
O2U F42 R . 16.38 -29.60 -16.42
O2T F42 R . 16.23 -29.02 -14.28
C3H F42 R . 19.04 -28.07 -15.27
C4H F42 R . 20.10 -27.48 -16.20
C5H F42 R . 21.46 -27.84 -15.66
O5H F42 R . 22.11 -26.99 -15.07
N1G F42 R . 21.89 -29.10 -15.85
C1G F42 R . 23.22 -29.58 -15.49
C2G F42 R . 24.06 -29.94 -16.72
O2V F42 R . 23.79 -29.35 -17.88
O2W F42 R . 24.99 -30.75 -16.69
C3G F42 R . 23.12 -30.78 -14.55
C4G F42 R . 22.34 -30.44 -13.27
C5G F42 R . 22.67 -31.39 -12.12
O6G F42 R . 22.24 -32.65 -12.11
O7G F42 R . 23.33 -31.00 -11.16
N1 F42 S . -5.14 -22.64 11.12
C2 F42 S . -4.20 -22.42 12.07
O2 F42 S . -4.50 -22.70 13.26
N3 F42 S . -2.97 -21.99 11.75
C4 F42 S . -2.61 -21.69 10.48
O4 F42 S . -1.49 -21.29 10.16
C4A F42 S . -3.60 -21.85 9.40
C5 F42 S . -3.32 -21.57 8.06
C5A F42 S . -4.32 -21.80 7.11
C6 F42 S . -4.06 -21.52 5.76
C7 F42 S . -5.06 -21.77 4.80
C8 F42 S . -6.29 -22.29 5.20
O8M F42 S . -7.23 -22.54 4.26
C9 F42 S . -6.57 -22.57 6.56
C9A F42 S . -5.57 -22.30 7.51
N10 F42 S . -5.87 -22.59 8.86
C10 F42 S . -4.89 -22.38 9.81
C1' F42 S . -7.16 -23.12 9.32
C2' F42 S . -6.87 -24.59 9.63
O2' F42 S . -6.72 -25.34 8.40
C3' F42 S . -7.99 -25.22 10.44
O3' F42 S . -9.21 -25.17 9.68
C4' F42 S . -8.20 -24.50 11.78
O4' F42 S . -6.96 -24.44 12.46
C5' F42 S . -9.23 -25.24 12.62
O5' F42 S . -8.88 -26.61 12.72
P F42 S . -9.84 -27.68 13.39
O1P F42 S . -9.09 -28.94 13.59
O2P F42 S . -10.46 -27.05 14.72
O3P F42 S . -10.84 -27.84 12.15
C1I F42 S . -12.25 -27.77 12.18
C2I F42 S . -12.74 -26.68 11.21
C3I F42 S . -12.60 -29.11 11.62
O3I F42 S . -11.99 -29.48 10.61
N1H F42 S . -13.50 -29.86 12.26
C1H F42 S . -13.57 -31.30 12.04
C2H F42 S . -14.94 -31.77 11.61
O2U F42 S . -15.08 -32.92 10.94
O2T F42 S . -15.94 -31.11 11.88
C3H F42 S . -13.05 -32.08 13.26
C4H F42 S . -11.96 -33.06 12.82
C5H F42 S . -11.25 -33.66 14.02
O5H F42 S . -10.04 -33.56 14.14
N1G F42 S . -12.02 -34.28 14.92
C1G F42 S . -11.51 -35.38 15.71
C2G F42 S . -12.01 -36.67 15.14
O2V F42 S . -13.00 -36.65 14.25
O2W F42 S . -11.54 -37.74 15.46
C3G F42 S . -11.93 -35.18 17.17
C4G F42 S . -11.84 -33.69 17.53
C5G F42 S . -11.75 -33.46 19.02
O6G F42 S . -12.78 -33.68 19.82
O7G F42 S . -10.70 -33.05 19.51
N1 F42 T . 20.80 11.38 -10.43
C2 F42 T . 21.53 11.17 -9.31
O2 F42 T . 22.68 10.72 -9.48
N3 F42 T . 21.03 11.39 -8.08
C4 F42 T . 19.77 11.87 -7.87
O4 F42 T . 19.27 12.12 -6.75
C4A F42 T . 18.91 12.10 -9.04
C5 F42 T . 17.59 12.57 -8.94
C5A F42 T . 16.88 12.81 -10.13
C6 F42 T . 15.58 13.29 -10.06
C7 F42 T . 14.87 13.52 -11.25
C8 F42 T . 15.50 13.27 -12.48
O8M F42 T . 14.83 13.50 -13.63
C9 F42 T . 16.79 12.78 -12.57
C9A F42 T . 17.48 12.55 -11.37
N10 F42 T . 18.81 12.05 -11.48
C10 F42 T . 19.53 11.84 -10.33
C1' F42 T . 19.51 11.80 -12.74
C2' F42 T . 20.47 12.97 -12.99
O2' F42 T . 19.75 14.14 -13.35
C3' F42 T . 21.45 12.66 -14.13
O3' F42 T . 20.69 12.40 -15.32
C4' F42 T . 22.25 11.42 -13.79
O4' F42 T . 22.88 11.54 -12.49
C5' F42 T . 23.34 11.25 -14.84
O5' F42 T . 24.13 12.45 -14.90
P F42 T . 25.32 12.65 -15.99
O1P F42 T . 26.10 13.85 -15.62
O2P F42 T . 26.17 11.31 -16.11
O3P F42 T . 24.39 12.92 -17.27
C1I F42 T . 24.73 12.35 -18.53
C2I F42 T . 23.53 11.61 -19.13
C3I F42 T . 25.16 13.46 -19.44
O3I F42 T . 24.75 14.60 -19.24
N1H F42 T . 25.98 13.12 -20.42
C1H F42 T . 26.66 14.14 -21.20
C2H F42 T . 26.83 13.73 -22.63
O2U F42 T . 26.21 14.42 -23.59
O2T F42 T . 27.54 12.77 -22.94
C3H F42 T . 27.99 14.49 -20.55
C4H F42 T . 28.00 15.97 -20.17
C5H F42 T . 29.27 16.31 -19.43
O5H F42 T . 29.19 16.73 -18.28
N1G F42 T . 30.44 16.14 -20.07
C1G F42 T . 31.70 16.67 -19.57
C2G F42 T . 32.10 17.97 -20.22
O2V F42 T . 31.19 18.79 -20.74
O2W F42 T . 33.28 18.30 -20.23
C3G F42 T . 32.81 15.64 -19.72
C4G F42 T . 32.59 14.45 -18.80
C5G F42 T . 33.63 13.35 -18.94
O6G F42 T . 33.71 12.59 -20.04
O7G F42 T . 34.40 13.12 -18.02
#